data_2OEL
#
_entry.id   2OEL
#
_cell.length_a   130.700
_cell.length_b   59.014
_cell.length_c   109.476
_cell.angle_alpha   90.00
_cell.angle_beta   103.28
_cell.angle_gamma   90.00
#
_symmetry.space_group_name_H-M   'C 1 2 1'
#
loop_
_entity.id
_entity.type
_entity.pdbx_description
1 polymer '2,3-diketo-5-methylthiopentyl-1-phosphate enolase'
2 non-polymer 'CARBONATE ION'
3 non-polymer 'MAGNESIUM ION'
4 water water
#
_entity_poly.entity_id   1
_entity_poly.type   'polypeptide(L)'
_entity_poly.pdbx_seq_one_letter_code
;MSAVMATYLLHDETDIRKKAEGIALGLTIGTWTDLPALEQEQLRKHKGEVVAIEELGESERVNAYFGKRLKRAIVKIAYP
TVNFSADLPALLVTTFGKLSLDGEVRLLDLEFPDEWKRQFPGPRFGIDGIRDRVGVHNRPLLMSIFKGMIGRDLAYLTSE
LKKQALGGVDLV(KCX)DDEILFDSELLPFEKRITEGKAALQEVYEQTGKRTLYAVNLTGKTFALKDKAKRAAELGADVL
LFNVFAYGLDVLQALREDEEIAVPIMAHPAFSGAVTPSEFYGVAPSLWLGKLLRLAGADFVLFPSPYGSVALEREQALGI
ARALTDDQEPFARAFPVPSAGIHPGLVPLIIRDFGLDTIVNAGGGIHGHPDGAIGGGRAFRAAIDAVLAGRPLRAAAAEN
EALQKAIDRWGVVEVEA
;
_entity_poly.pdbx_strand_id   A,B
#
# COMPACT_ATOMS: atom_id res chain seq x y z
N SER A 2 -18.75 21.03 3.20
CA SER A 2 -17.81 20.33 2.30
C SER A 2 -17.19 19.14 3.00
N ALA A 3 -17.51 17.93 2.53
CA ALA A 3 -16.97 16.74 3.15
C ALA A 3 -16.74 15.62 2.17
N VAL A 4 -15.76 14.77 2.49
CA VAL A 4 -15.47 13.61 1.67
C VAL A 4 -16.33 12.52 2.31
N MET A 5 -17.16 11.86 1.51
CA MET A 5 -18.00 10.80 2.05
C MET A 5 -17.43 9.45 1.68
N ALA A 6 -17.08 8.67 2.68
CA ALA A 6 -16.52 7.35 2.46
C ALA A 6 -17.60 6.30 2.66
N THR A 7 -17.60 5.30 1.78
CA THR A 7 -18.57 4.22 1.88
C THR A 7 -17.81 2.96 2.25
N TYR A 8 -18.25 2.31 3.32
CA TYR A 8 -17.59 1.10 3.81
C TYR A 8 -18.54 -0.07 3.92
N LEU A 9 -17.96 -1.26 3.89
CA LEU A 9 -18.71 -2.50 4.07
C LEU A 9 -18.19 -3.00 5.42
N LEU A 10 -19.09 -3.17 6.38
CA LEU A 10 -18.69 -3.67 7.69
C LEU A 10 -19.33 -5.00 8.04
N HIS A 11 -18.59 -5.81 8.78
CA HIS A 11 -19.08 -7.11 9.27
C HIS A 11 -18.76 -7.01 10.76
N ASP A 12 -19.78 -7.19 11.61
CA ASP A 12 -19.55 -7.10 13.04
C ASP A 12 -20.65 -7.81 13.82
N GLU A 13 -20.28 -8.38 14.97
CA GLU A 13 -21.27 -9.07 15.79
C GLU A 13 -21.94 -8.08 16.74
N THR A 14 -21.41 -6.86 16.81
CA THR A 14 -21.98 -5.84 17.66
C THR A 14 -22.73 -4.82 16.80
N ASP A 15 -23.55 -4.00 17.43
CA ASP A 15 -24.34 -2.99 16.72
C ASP A 15 -23.48 -2.14 15.79
N ILE A 16 -23.77 -2.20 14.49
CA ILE A 16 -23.01 -1.46 13.50
C ILE A 16 -23.19 0.06 13.58
N ARG A 17 -24.40 0.52 13.88
CA ARG A 17 -24.62 1.97 13.96
C ARG A 17 -23.75 2.56 15.06
N LYS A 18 -23.68 1.87 16.20
CA LYS A 18 -22.87 2.34 17.31
C LYS A 18 -21.41 2.43 16.85
N LYS A 19 -20.93 1.40 16.16
CA LYS A 19 -19.54 1.41 15.70
C LYS A 19 -19.34 2.55 14.69
N ALA A 20 -20.30 2.72 13.79
CA ALA A 20 -20.22 3.77 12.78
C ALA A 20 -20.18 5.16 13.41
N GLU A 21 -21.02 5.39 14.41
CA GLU A 21 -21.05 6.69 15.07
C GLU A 21 -19.71 6.88 15.78
N GLY A 22 -19.18 5.79 16.32
CA GLY A 22 -17.90 5.87 17.00
C GLY A 22 -16.78 6.25 16.05
N ILE A 23 -16.86 5.77 14.81
CA ILE A 23 -15.84 6.08 13.81
C ILE A 23 -15.95 7.55 13.40
N ALA A 24 -17.15 7.96 13.02
CA ALA A 24 -17.39 9.34 12.60
C ALA A 24 -16.90 10.34 13.65
N LEU A 25 -17.11 10.03 14.93
CA LEU A 25 -16.69 10.92 16.00
C LEU A 25 -15.22 10.73 16.38
N GLY A 26 -14.83 9.48 16.58
CA GLY A 26 -13.45 9.20 16.96
C GLY A 26 -12.41 9.63 15.95
N LEU A 27 -12.74 9.52 14.66
CA LEU A 27 -11.79 9.91 13.63
C LEU A 27 -11.91 11.35 13.16
N THR A 28 -12.65 12.15 13.92
CA THR A 28 -12.75 13.57 13.60
C THR A 28 -12.41 14.35 14.86
N ILE A 29 -13.41 14.84 15.58
CA ILE A 29 -13.16 15.64 16.79
C ILE A 29 -12.88 14.88 18.09
N GLY A 30 -13.08 13.56 18.09
CA GLY A 30 -12.80 12.78 19.28
C GLY A 30 -13.95 12.66 20.25
N THR A 31 -14.37 13.79 20.79
CA THR A 31 -15.50 13.82 21.72
C THR A 31 -16.37 15.03 21.40
N TRP A 32 -17.60 15.02 21.89
CA TRP A 32 -18.51 16.13 21.63
C TRP A 32 -19.36 16.52 22.84
N THR A 33 -20.01 15.54 23.46
CA THR A 33 -20.87 15.80 24.62
C THR A 33 -20.15 16.35 25.85
N ASP A 34 -18.83 16.22 25.89
CA ASP A 34 -18.07 16.72 27.03
C ASP A 34 -17.43 18.07 26.72
N LEU A 35 -17.89 18.71 25.64
CA LEU A 35 -17.34 19.99 25.23
C LEU A 35 -18.20 21.19 25.62
N PRO A 36 -17.57 22.27 26.10
CA PRO A 36 -18.31 23.48 26.48
C PRO A 36 -19.00 23.98 25.23
N ALA A 37 -20.00 24.85 25.39
CA ALA A 37 -20.74 25.37 24.25
C ALA A 37 -19.85 26.18 23.30
N LEU A 38 -18.89 26.91 23.84
CA LEU A 38 -18.00 27.72 23.02
C LEU A 38 -17.15 26.84 22.10
N GLU A 39 -16.72 25.69 22.61
CA GLU A 39 -15.91 24.77 21.83
C GLU A 39 -16.74 23.99 20.82
N GLN A 40 -17.98 23.69 21.16
CA GLN A 40 -18.85 22.96 20.25
C GLN A 40 -19.09 23.76 18.98
N GLU A 41 -19.33 25.06 19.15
CA GLU A 41 -19.57 25.91 17.98
C GLU A 41 -18.27 26.06 17.19
N GLN A 42 -17.15 26.01 17.88
CA GLN A 42 -15.83 26.13 17.25
C GLN A 42 -15.45 24.87 16.47
N LEU A 43 -15.78 23.70 17.01
CA LEU A 43 -15.44 22.43 16.38
C LEU A 43 -16.55 21.81 15.54
N ARG A 44 -17.70 22.46 15.49
CA ARG A 44 -18.83 21.95 14.72
C ARG A 44 -18.47 21.61 13.27
N LYS A 45 -17.78 22.53 12.60
CA LYS A 45 -17.41 22.32 11.20
C LYS A 45 -16.46 21.14 10.98
N HIS A 46 -15.84 20.67 12.06
CA HIS A 46 -14.89 19.56 11.97
C HIS A 46 -15.51 18.21 12.35
N LYS A 47 -16.77 18.22 12.77
CA LYS A 47 -17.44 17.01 13.21
C LYS A 47 -17.89 16.05 12.10
N GLY A 48 -17.42 14.82 12.17
CA GLY A 48 -17.79 13.83 11.18
C GLY A 48 -19.20 13.36 11.46
N GLU A 49 -19.86 12.78 10.46
CA GLU A 49 -21.23 12.31 10.64
C GLU A 49 -21.53 11.04 9.86
N VAL A 50 -22.37 10.19 10.43
CA VAL A 50 -22.80 8.98 9.75
C VAL A 50 -23.88 9.50 8.81
N VAL A 51 -23.69 9.32 7.52
CA VAL A 51 -24.65 9.80 6.53
C VAL A 51 -25.75 8.79 6.27
N ALA A 52 -25.38 7.51 6.25
CA ALA A 52 -26.35 6.47 5.98
C ALA A 52 -25.84 5.09 6.37
N ILE A 53 -26.78 4.20 6.64
CA ILE A 53 -26.47 2.83 7.00
C ILE A 53 -27.47 1.93 6.30
N GLU A 54 -26.97 1.02 5.48
CA GLU A 54 -27.84 0.09 4.78
C GLU A 54 -27.64 -1.32 5.32
N GLU A 55 -28.68 -1.86 5.95
CA GLU A 55 -28.65 -3.21 6.51
C GLU A 55 -28.61 -4.21 5.36
N LEU A 56 -27.69 -5.16 5.42
CA LEU A 56 -27.56 -6.15 4.35
C LEU A 56 -28.01 -7.55 4.74
N GLY A 57 -28.33 -7.75 6.02
CA GLY A 57 -28.74 -9.07 6.45
C GLY A 57 -27.51 -9.95 6.58
N GLU A 58 -27.62 -11.00 7.37
CA GLU A 58 -26.49 -11.90 7.59
C GLU A 58 -26.27 -12.92 6.48
N SER A 59 -25.02 -13.38 6.38
CA SER A 59 -24.64 -14.37 5.39
C SER A 59 -24.21 -15.62 6.15
N GLU A 60 -24.87 -16.74 5.89
CA GLU A 60 -24.53 -17.98 6.57
C GLU A 60 -23.14 -18.43 6.16
N ARG A 61 -22.76 -18.15 4.92
CA ARG A 61 -21.45 -18.52 4.41
C ARG A 61 -20.40 -17.79 5.25
N VAL A 62 -20.60 -16.49 5.45
CA VAL A 62 -19.68 -15.68 6.23
C VAL A 62 -19.71 -16.11 7.70
N ASN A 63 -20.91 -16.29 8.24
CA ASN A 63 -21.08 -16.71 9.63
C ASN A 63 -20.33 -18.01 9.91
N ALA A 64 -20.46 -18.98 8.99
CA ALA A 64 -19.79 -20.26 9.15
C ALA A 64 -18.27 -20.07 9.12
N TYR A 65 -17.80 -19.24 8.20
CA TYR A 65 -16.37 -18.97 8.08
C TYR A 65 -15.80 -18.40 9.37
N PHE A 66 -16.42 -17.33 9.87
CA PHE A 66 -15.96 -16.68 11.10
C PHE A 66 -16.34 -17.44 12.37
N GLY A 67 -17.26 -18.39 12.25
CA GLY A 67 -17.67 -19.16 13.41
C GLY A 67 -18.54 -18.37 14.37
N LYS A 68 -19.27 -17.39 13.85
CA LYS A 68 -20.16 -16.58 14.66
C LYS A 68 -21.11 -15.75 13.78
N ARG A 69 -22.15 -15.21 14.39
CA ARG A 69 -23.12 -14.41 13.67
C ARG A 69 -22.60 -13.00 13.45
N LEU A 70 -22.42 -12.63 12.19
CA LEU A 70 -21.93 -11.30 11.86
C LEU A 70 -22.92 -10.50 11.06
N LYS A 71 -23.31 -9.35 11.62
CA LYS A 71 -24.23 -8.46 10.94
C LYS A 71 -23.42 -7.80 9.82
N ARG A 72 -24.09 -7.40 8.75
CA ARG A 72 -23.41 -6.77 7.63
C ARG A 72 -24.14 -5.50 7.24
N ALA A 73 -23.39 -4.48 6.84
CA ALA A 73 -24.01 -3.22 6.44
C ALA A 73 -23.06 -2.34 5.65
N ILE A 74 -23.63 -1.53 4.77
CA ILE A 74 -22.88 -0.58 3.97
C ILE A 74 -23.02 0.72 4.75
N VAL A 75 -21.89 1.28 5.20
CA VAL A 75 -21.92 2.49 6.01
C VAL A 75 -21.26 3.67 5.30
N LYS A 76 -21.92 4.83 5.37
CA LYS A 76 -21.42 6.04 4.73
C LYS A 76 -21.12 7.08 5.80
N ILE A 77 -19.90 7.59 5.80
CA ILE A 77 -19.49 8.58 6.79
C ILE A 77 -18.91 9.81 6.10
N ALA A 78 -19.26 10.98 6.62
CA ALA A 78 -18.78 12.24 6.07
C ALA A 78 -17.66 12.85 6.91
N TYR A 79 -16.53 13.10 6.27
CA TYR A 79 -15.37 13.70 6.92
C TYR A 79 -15.16 15.10 6.35
N PRO A 80 -15.31 16.14 7.18
CA PRO A 80 -15.14 17.52 6.70
C PRO A 80 -13.76 17.71 6.05
N THR A 81 -13.72 18.33 4.88
CA THR A 81 -12.45 18.56 4.20
C THR A 81 -11.54 19.55 4.93
N VAL A 82 -12.10 20.34 5.85
CA VAL A 82 -11.26 21.29 6.59
C VAL A 82 -10.43 20.55 7.64
N ASN A 83 -10.66 19.25 7.76
CA ASN A 83 -9.94 18.42 8.73
C ASN A 83 -8.58 17.93 8.24
N PHE A 84 -8.36 17.94 6.94
CA PHE A 84 -7.08 17.45 6.44
C PHE A 84 -6.53 18.22 5.24
N SER A 85 -5.23 18.09 5.00
CA SER A 85 -4.60 18.78 3.88
C SER A 85 -5.07 18.15 2.56
N ALA A 86 -5.03 18.91 1.49
CA ALA A 86 -5.48 18.42 0.18
C ALA A 86 -4.43 17.57 -0.53
N ASP A 87 -4.19 16.40 0.02
CA ASP A 87 -3.25 15.48 -0.59
C ASP A 87 -3.75 14.06 -0.34
N LEU A 88 -3.38 13.15 -1.21
CA LEU A 88 -3.83 11.77 -1.10
C LEU A 88 -3.42 11.04 0.17
N PRO A 89 -2.20 11.27 0.68
CA PRO A 89 -1.82 10.57 1.89
C PRO A 89 -2.73 10.96 3.05
N ALA A 90 -3.10 12.24 3.12
CA ALA A 90 -3.99 12.72 4.19
C ALA A 90 -5.37 12.11 4.01
N LEU A 91 -5.82 12.03 2.76
CA LEU A 91 -7.12 11.45 2.44
C LEU A 91 -7.20 10.00 2.91
N LEU A 92 -6.18 9.21 2.58
CA LEU A 92 -6.16 7.80 2.97
C LEU A 92 -6.08 7.61 4.47
N VAL A 93 -5.23 8.40 5.13
CA VAL A 93 -5.07 8.27 6.57
C VAL A 93 -6.35 8.68 7.30
N THR A 94 -7.03 9.70 6.79
CA THR A 94 -8.26 10.16 7.43
C THR A 94 -9.42 9.18 7.28
N THR A 95 -9.61 8.66 6.07
CA THR A 95 -10.71 7.74 5.78
C THR A 95 -10.44 6.25 5.98
N PHE A 96 -9.17 5.85 6.08
CA PHE A 96 -8.88 4.44 6.24
C PHE A 96 -7.49 4.20 6.82
N GLY A 97 -7.16 4.98 7.85
CA GLY A 97 -5.87 4.86 8.51
C GLY A 97 -6.05 3.92 9.68
N LYS A 98 -6.38 4.48 10.85
CA LYS A 98 -6.62 3.66 12.02
C LYS A 98 -7.81 2.73 11.73
N LEU A 99 -8.76 3.23 10.95
CA LEU A 99 -9.95 2.44 10.63
C LEU A 99 -9.63 1.13 9.92
N SER A 100 -8.52 1.08 9.18
CA SER A 100 -8.16 -0.14 8.47
C SER A 100 -7.79 -1.24 9.45
N LEU A 101 -7.54 -0.87 10.70
CA LEU A 101 -7.15 -1.82 11.75
C LEU A 101 -8.32 -2.29 12.60
N ASP A 102 -9.48 -1.67 12.41
CA ASP A 102 -10.68 -1.95 13.20
C ASP A 102 -11.49 -3.18 12.78
N GLY A 103 -10.87 -4.36 12.86
CA GLY A 103 -11.59 -5.57 12.49
C GLY A 103 -12.00 -5.68 11.03
N GLU A 104 -13.25 -6.06 10.80
CA GLU A 104 -13.75 -6.23 9.44
C GLU A 104 -14.38 -4.96 8.85
N VAL A 105 -13.55 -4.16 8.19
CA VAL A 105 -13.98 -2.93 7.54
C VAL A 105 -13.29 -2.87 6.20
N ARG A 106 -14.05 -2.64 5.14
CA ARG A 106 -13.51 -2.55 3.79
C ARG A 106 -13.97 -1.25 3.16
N LEU A 107 -13.03 -0.51 2.58
CA LEU A 107 -13.34 0.77 1.94
C LEU A 107 -13.83 0.52 0.52
N LEU A 108 -15.08 0.86 0.26
CA LEU A 108 -15.69 0.65 -1.05
C LEU A 108 -15.63 1.83 -2.00
N ASP A 109 -15.72 3.05 -1.47
CA ASP A 109 -15.74 4.21 -2.34
C ASP A 109 -15.50 5.51 -1.56
N LEU A 110 -15.13 6.56 -2.30
CA LEU A 110 -14.90 7.88 -1.74
C LEU A 110 -15.54 8.86 -2.71
N GLU A 111 -16.27 9.83 -2.19
CA GLU A 111 -16.92 10.84 -3.02
C GLU A 111 -16.48 12.20 -2.50
N PHE A 112 -16.08 13.07 -3.41
CA PHE A 112 -15.56 14.38 -3.06
C PHE A 112 -16.33 15.55 -3.66
N PRO A 113 -16.33 16.70 -2.96
CA PRO A 113 -17.03 17.86 -3.51
C PRO A 113 -16.23 18.24 -4.74
N ASP A 114 -16.87 18.83 -5.74
CA ASP A 114 -16.14 19.20 -6.96
C ASP A 114 -14.97 20.13 -6.66
N GLU A 115 -15.18 21.09 -5.76
CA GLU A 115 -14.11 22.03 -5.41
C GLU A 115 -12.88 21.32 -4.86
N TRP A 116 -13.08 20.24 -4.11
CA TRP A 116 -11.95 19.50 -3.56
C TRP A 116 -11.24 18.74 -4.68
N LYS A 117 -12.01 18.13 -5.58
CA LYS A 117 -11.44 17.38 -6.71
C LYS A 117 -10.51 18.26 -7.54
N ARG A 118 -10.90 19.52 -7.74
CA ARG A 118 -10.10 20.43 -8.55
C ARG A 118 -8.69 20.71 -8.01
N GLN A 119 -8.42 20.24 -6.80
CA GLN A 119 -7.10 20.44 -6.22
C GLN A 119 -6.19 19.30 -6.69
N PHE A 120 -6.74 18.44 -7.54
CA PHE A 120 -5.99 17.31 -8.08
C PHE A 120 -5.96 17.42 -9.61
N PRO A 121 -4.92 16.87 -10.24
CA PRO A 121 -4.74 16.94 -11.70
C PRO A 121 -5.49 16.08 -12.70
N GLY A 122 -5.74 14.83 -12.37
CA GLY A 122 -6.37 13.95 -13.32
C GLY A 122 -5.30 13.63 -14.36
N PRO A 123 -5.62 12.86 -15.40
CA PRO A 123 -4.64 12.52 -16.43
C PRO A 123 -4.20 13.76 -17.21
N ARG A 124 -2.95 13.79 -17.68
CA ARG A 124 -2.50 14.94 -18.44
C ARG A 124 -2.98 14.87 -19.88
N PHE A 125 -3.00 13.65 -20.43
CA PHE A 125 -3.41 13.44 -21.81
C PHE A 125 -4.76 12.74 -21.93
N GLY A 126 -4.95 11.69 -21.15
CA GLY A 126 -6.22 10.97 -21.20
C GLY A 126 -6.39 10.20 -22.51
N ILE A 127 -7.57 9.61 -22.68
CA ILE A 127 -7.87 8.83 -23.87
C ILE A 127 -7.64 9.62 -25.16
N ASP A 128 -8.18 10.84 -25.22
CA ASP A 128 -8.03 11.68 -26.41
C ASP A 128 -6.56 11.97 -26.73
N GLY A 129 -5.81 12.37 -25.72
CA GLY A 129 -4.41 12.66 -25.91
C GLY A 129 -3.58 11.48 -26.36
N ILE A 130 -3.87 10.31 -25.77
CA ILE A 130 -3.15 9.10 -26.13
C ILE A 130 -3.42 8.72 -27.58
N ARG A 131 -4.69 8.78 -27.99
CA ARG A 131 -5.04 8.44 -29.36
C ARG A 131 -4.29 9.36 -30.34
N ASP A 132 -4.15 10.63 -30.00
CA ASP A 132 -3.43 11.55 -30.87
C ASP A 132 -1.94 11.21 -30.94
N ARG A 133 -1.35 10.90 -29.79
CA ARG A 133 0.07 10.58 -29.74
C ARG A 133 0.39 9.28 -30.47
N VAL A 134 -0.57 8.37 -30.53
CA VAL A 134 -0.35 7.09 -31.21
C VAL A 134 -0.92 7.13 -32.63
N GLY A 135 -1.75 8.13 -32.91
CA GLY A 135 -2.32 8.26 -34.25
C GLY A 135 -3.40 7.26 -34.63
N VAL A 136 -4.11 6.74 -33.63
CA VAL A 136 -5.19 5.79 -33.87
C VAL A 136 -6.43 6.39 -33.23
N HIS A 137 -7.33 6.89 -34.08
CA HIS A 137 -8.52 7.58 -33.62
C HIS A 137 -9.82 6.86 -33.29
N ASN A 138 -10.11 5.74 -33.93
CA ASN A 138 -11.38 5.07 -33.65
C ASN A 138 -11.34 3.70 -32.97
N ARG A 139 -10.68 2.74 -33.61
CA ARG A 139 -10.60 1.39 -33.07
C ARG A 139 -9.89 1.30 -31.73
N PRO A 140 -10.19 0.24 -30.96
CA PRO A 140 -9.50 0.11 -29.67
C PRO A 140 -8.03 -0.10 -29.98
N LEU A 141 -7.16 0.24 -29.04
CA LEU A 141 -5.72 0.09 -29.27
C LEU A 141 -5.27 -1.32 -28.94
N LEU A 142 -4.04 -1.62 -29.31
CA LEU A 142 -3.44 -2.93 -29.08
C LEU A 142 -2.06 -2.76 -28.48
N MET A 143 -1.79 -3.45 -27.37
CA MET A 143 -0.48 -3.36 -26.75
C MET A 143 0.06 -4.74 -26.41
N SER A 144 1.38 -4.84 -26.26
CA SER A 144 2.02 -6.09 -25.92
C SER A 144 3.16 -5.83 -24.94
N ILE A 145 3.77 -6.91 -24.44
CA ILE A 145 4.85 -6.84 -23.48
C ILE A 145 6.05 -7.66 -23.92
N PHE A 146 7.24 -7.18 -23.61
CA PHE A 146 8.47 -7.90 -23.93
C PHE A 146 8.40 -9.25 -23.22
N LYS A 147 9.07 -10.24 -23.78
CA LYS A 147 9.12 -11.58 -23.22
C LYS A 147 10.55 -11.83 -22.75
N GLY A 148 10.72 -12.38 -21.55
CA GLY A 148 12.02 -12.68 -20.99
C GLY A 148 13.17 -11.74 -21.32
N MET A 149 13.09 -10.49 -20.86
CA MET A 149 14.15 -9.52 -21.12
C MET A 149 15.19 -9.42 -20.01
N ILE A 150 14.86 -9.91 -18.81
CA ILE A 150 15.80 -9.87 -17.69
C ILE A 150 17.08 -10.60 -18.04
N GLY A 151 18.20 -9.89 -17.99
CA GLY A 151 19.48 -10.50 -18.30
C GLY A 151 19.88 -10.36 -19.77
N ARG A 152 19.01 -9.75 -20.57
CA ARG A 152 19.26 -9.56 -21.99
C ARG A 152 19.86 -8.19 -22.28
N ASP A 153 20.39 -8.02 -23.49
CA ASP A 153 21.01 -6.76 -23.88
C ASP A 153 20.17 -5.91 -24.83
N LEU A 154 20.69 -4.73 -25.13
CA LEU A 154 20.02 -3.76 -26.00
C LEU A 154 19.78 -4.27 -27.41
N ALA A 155 20.64 -5.16 -27.88
CA ALA A 155 20.49 -5.73 -29.22
C ALA A 155 19.21 -6.58 -29.23
N TYR A 156 19.00 -7.30 -28.14
CA TYR A 156 17.82 -8.14 -28.02
C TYR A 156 16.59 -7.25 -27.85
N LEU A 157 16.72 -6.22 -27.04
CA LEU A 157 15.60 -5.31 -26.80
C LEU A 157 15.09 -4.70 -28.11
N THR A 158 15.97 -4.05 -28.86
CA THR A 158 15.57 -3.44 -30.12
C THR A 158 15.00 -4.47 -31.10
N SER A 159 15.57 -5.66 -31.10
CA SER A 159 15.12 -6.73 -31.98
C SER A 159 13.69 -7.15 -31.63
N GLU A 160 13.44 -7.38 -30.35
CA GLU A 160 12.12 -7.80 -29.88
C GLU A 160 11.11 -6.67 -30.02
N LEU A 161 11.57 -5.44 -29.89
CA LEU A 161 10.70 -4.28 -29.99
C LEU A 161 10.19 -4.16 -31.42
N LYS A 162 11.10 -4.29 -32.39
CA LYS A 162 10.73 -4.19 -33.81
C LYS A 162 9.77 -5.30 -34.23
N LYS A 163 9.95 -6.50 -33.69
CA LYS A 163 9.08 -7.63 -34.02
C LYS A 163 7.65 -7.29 -33.62
N GLN A 164 7.49 -6.77 -32.40
CA GLN A 164 6.17 -6.42 -31.91
C GLN A 164 5.56 -5.27 -32.72
N ALA A 165 6.36 -4.26 -33.06
CA ALA A 165 5.86 -3.13 -33.84
C ALA A 165 5.50 -3.58 -35.25
N LEU A 166 6.27 -4.53 -35.78
CA LEU A 166 6.01 -5.05 -37.12
C LEU A 166 4.74 -5.89 -37.10
N GLY A 167 4.32 -6.27 -35.90
CA GLY A 167 3.10 -7.04 -35.74
C GLY A 167 1.89 -6.13 -35.74
N GLY A 168 2.15 -4.82 -35.74
CA GLY A 168 1.06 -3.86 -35.75
C GLY A 168 0.55 -3.43 -34.38
N VAL A 169 1.29 -3.69 -33.31
CA VAL A 169 0.84 -3.27 -31.99
C VAL A 169 1.03 -1.76 -31.89
N ASP A 170 0.14 -1.09 -31.15
CA ASP A 170 0.23 0.36 -30.98
C ASP A 170 1.23 0.76 -29.90
N LEU A 171 1.37 -0.11 -28.91
CA LEU A 171 2.28 0.15 -27.81
C LEU A 171 2.88 -1.13 -27.25
N VAL A 172 4.15 -1.02 -26.85
CA VAL A 172 4.88 -2.12 -26.24
C VAL A 172 5.40 -1.57 -24.92
N ASP A 174 7.66 -2.35 -21.11
CA ASP A 174 8.63 -3.19 -20.43
C ASP A 174 7.82 -4.08 -19.51
N ASP A 175 8.41 -5.19 -19.11
CA ASP A 175 7.78 -6.09 -18.15
C ASP A 175 7.88 -5.25 -16.86
N GLU A 176 6.89 -5.31 -15.97
CA GLU A 176 6.98 -4.49 -14.75
C GLU A 176 8.13 -4.88 -13.84
N ILE A 177 8.70 -6.05 -14.04
CA ILE A 177 9.81 -6.52 -13.24
C ILE A 177 11.16 -6.25 -13.92
N LEU A 178 11.15 -5.42 -14.95
CA LEU A 178 12.39 -5.08 -15.65
C LEU A 178 12.99 -3.85 -15.00
N PHE A 179 14.08 -4.04 -14.28
CA PHE A 179 14.74 -2.93 -13.59
C PHE A 179 16.02 -2.53 -14.30
N ASP A 180 16.46 -1.29 -14.06
CA ASP A 180 17.66 -0.78 -14.71
C ASP A 180 18.88 -1.61 -14.37
N SER A 181 19.74 -1.80 -15.36
CA SER A 181 20.95 -2.58 -15.18
C SER A 181 22.02 -2.04 -16.12
N GLU A 182 23.22 -2.57 -15.99
CA GLU A 182 24.32 -2.12 -16.83
C GLU A 182 24.01 -2.46 -18.28
N LEU A 183 23.41 -3.64 -18.49
CA LEU A 183 23.05 -4.08 -19.84
C LEU A 183 21.89 -3.28 -20.42
N LEU A 184 20.92 -2.95 -19.58
CA LEU A 184 19.77 -2.19 -20.03
C LEU A 184 19.52 -0.92 -19.22
N PRO A 185 20.34 0.11 -19.44
CA PRO A 185 20.19 1.38 -18.72
C PRO A 185 18.90 2.08 -19.15
N PHE A 186 18.24 2.74 -18.20
CA PHE A 186 16.99 3.46 -18.47
C PHE A 186 17.10 4.34 -19.71
N GLU A 187 18.03 5.27 -19.69
CA GLU A 187 18.20 6.19 -20.82
C GLU A 187 18.49 5.52 -22.15
N LYS A 188 19.23 4.41 -22.13
CA LYS A 188 19.54 3.71 -23.38
C LYS A 188 18.35 2.94 -23.93
N ARG A 189 17.51 2.40 -23.03
CA ARG A 189 16.34 1.67 -23.50
C ARG A 189 15.46 2.64 -24.27
N ILE A 190 15.38 3.86 -23.76
CA ILE A 190 14.57 4.90 -24.40
C ILE A 190 15.12 5.32 -25.77
N THR A 191 16.39 5.74 -25.79
CA THR A 191 16.99 6.20 -27.04
C THR A 191 17.10 5.11 -28.10
N GLU A 192 17.57 3.93 -27.73
CA GLU A 192 17.70 2.86 -28.72
C GLU A 192 16.32 2.37 -29.14
N GLY A 193 15.39 2.34 -28.19
CA GLY A 193 14.05 1.91 -28.51
C GLY A 193 13.40 2.87 -29.50
N LYS A 194 13.63 4.16 -29.31
CA LYS A 194 13.06 5.17 -30.19
C LYS A 194 13.61 5.04 -31.60
N ALA A 195 14.93 4.93 -31.72
CA ALA A 195 15.57 4.78 -33.02
C ALA A 195 15.06 3.52 -33.73
N ALA A 196 14.95 2.43 -32.98
CA ALA A 196 14.47 1.18 -33.55
C ALA A 196 13.02 1.32 -34.04
N LEU A 197 12.18 1.96 -33.24
CA LEU A 197 10.78 2.14 -33.64
C LEU A 197 10.65 3.11 -34.81
N GLN A 198 11.59 4.04 -34.93
CA GLN A 198 11.55 4.98 -36.04
C GLN A 198 11.90 4.25 -37.33
N GLU A 199 12.61 3.13 -37.21
CA GLU A 199 12.98 2.32 -38.36
C GLU A 199 11.75 1.57 -38.86
N VAL A 200 10.97 1.04 -37.93
CA VAL A 200 9.76 0.30 -38.28
C VAL A 200 8.76 1.28 -38.89
N TYR A 201 8.92 2.55 -38.52
CA TYR A 201 8.05 3.61 -39.04
C TYR A 201 8.29 3.77 -40.54
N GLU A 202 9.53 3.50 -40.97
CA GLU A 202 9.89 3.60 -42.37
C GLU A 202 9.34 2.38 -43.11
N GLN A 203 9.76 1.21 -42.66
CA GLN A 203 9.33 -0.05 -43.25
C GLN A 203 7.80 -0.11 -43.31
N THR A 204 7.16 0.35 -42.24
CA THR A 204 5.72 0.37 -42.15
C THR A 204 5.25 1.69 -41.54
N GLY A 205 4.39 2.40 -42.26
CA GLY A 205 3.89 3.67 -41.76
C GLY A 205 3.42 3.62 -40.32
N LYS A 206 3.20 2.41 -39.82
CA LYS A 206 2.74 2.18 -38.45
C LYS A 206 3.70 2.79 -37.43
N ARG A 207 3.16 3.58 -36.50
CA ARG A 207 3.96 4.21 -35.46
C ARG A 207 3.65 3.52 -34.13
N THR A 208 4.67 2.95 -33.52
CA THR A 208 4.49 2.23 -32.26
C THR A 208 5.17 2.94 -31.09
N LEU A 209 4.47 3.02 -29.96
CA LEU A 209 5.01 3.68 -28.78
C LEU A 209 5.64 2.66 -27.82
N TYR A 210 6.60 3.14 -27.04
CA TYR A 210 7.29 2.30 -26.06
C TYR A 210 7.09 2.87 -24.66
N ALA A 211 6.47 2.08 -23.79
CA ALA A 211 6.24 2.49 -22.41
C ALA A 211 7.40 1.89 -21.63
N VAL A 212 8.33 2.74 -21.21
CA VAL A 212 9.51 2.30 -20.48
C VAL A 212 9.27 2.33 -18.97
N ASN A 213 9.74 1.28 -18.29
CA ASN A 213 9.57 1.18 -16.84
C ASN A 213 10.37 2.26 -16.10
N LEU A 214 9.68 3.02 -15.26
CA LEU A 214 10.30 4.08 -14.46
C LEU A 214 10.44 3.50 -13.05
N THR A 215 11.66 3.14 -12.68
CA THR A 215 11.89 2.52 -11.38
C THR A 215 12.98 3.20 -10.57
N GLY A 216 13.34 2.56 -9.45
CA GLY A 216 14.37 3.12 -8.60
C GLY A 216 13.78 3.84 -7.40
N LYS A 217 14.64 4.52 -6.65
CA LYS A 217 14.18 5.23 -5.46
C LYS A 217 13.32 6.44 -5.77
N THR A 218 12.34 6.66 -4.90
CA THR A 218 11.39 7.75 -5.04
C THR A 218 12.00 9.11 -5.39
N PHE A 219 12.99 9.54 -4.62
CA PHE A 219 13.59 10.85 -4.86
C PHE A 219 14.50 10.99 -6.07
N ALA A 220 14.59 9.94 -6.87
CA ALA A 220 15.39 9.98 -8.09
C ALA A 220 14.45 9.91 -9.29
N LEU A 221 13.17 9.66 -9.04
CA LEU A 221 12.18 9.53 -10.11
C LEU A 221 11.97 10.76 -10.99
N LYS A 222 11.85 11.94 -10.38
CA LYS A 222 11.64 13.16 -11.16
C LYS A 222 12.77 13.44 -12.13
N ASP A 223 14.01 13.34 -11.64
CA ASP A 223 15.18 13.58 -12.50
C ASP A 223 15.17 12.63 -13.69
N LYS A 224 14.92 11.35 -13.44
CA LYS A 224 14.90 10.36 -14.51
C LYS A 224 13.76 10.63 -15.49
N ALA A 225 12.58 10.95 -14.97
CA ALA A 225 11.43 11.22 -15.82
C ALA A 225 11.65 12.46 -16.69
N LYS A 226 12.35 13.45 -16.15
CA LYS A 226 12.64 14.67 -16.89
C LYS A 226 13.61 14.31 -18.01
N ARG A 227 14.58 13.47 -17.69
CA ARG A 227 15.56 13.03 -18.68
C ARG A 227 14.84 12.25 -19.77
N ALA A 228 13.91 11.38 -19.37
CA ALA A 228 13.16 10.59 -20.32
C ALA A 228 12.42 11.51 -21.30
N ALA A 229 11.83 12.57 -20.78
CA ALA A 229 11.11 13.53 -21.61
C ALA A 229 12.08 14.18 -22.60
N GLU A 230 13.25 14.57 -22.10
CA GLU A 230 14.27 15.20 -22.94
C GLU A 230 14.70 14.25 -24.05
N LEU A 231 14.81 12.96 -23.72
CA LEU A 231 15.23 11.95 -24.69
C LEU A 231 14.08 11.51 -25.60
N GLY A 232 12.90 12.06 -25.36
CA GLY A 232 11.76 11.72 -26.20
C GLY A 232 11.05 10.42 -25.91
N ALA A 233 10.98 10.02 -24.64
CA ALA A 233 10.29 8.78 -24.27
C ALA A 233 8.81 8.93 -24.62
N ASP A 234 8.17 7.83 -25.03
CA ASP A 234 6.76 7.88 -25.39
C ASP A 234 5.83 7.79 -24.21
N VAL A 235 6.06 6.81 -23.34
CA VAL A 235 5.23 6.60 -22.16
C VAL A 235 6.06 6.09 -21.00
N LEU A 236 5.67 6.47 -19.79
CA LEU A 236 6.36 6.00 -18.59
C LEU A 236 5.49 4.98 -17.88
N LEU A 237 5.99 3.74 -17.78
CA LEU A 237 5.27 2.68 -17.07
C LEU A 237 5.66 2.89 -15.61
N PHE A 238 4.68 2.87 -14.70
CA PHE A 238 4.96 3.13 -13.29
C PHE A 238 4.21 2.20 -12.33
N ASN A 239 4.99 1.49 -11.50
CA ASN A 239 4.46 0.56 -10.50
C ASN A 239 4.01 1.39 -9.29
N VAL A 240 2.99 2.23 -9.51
CA VAL A 240 2.48 3.14 -8.49
C VAL A 240 2.18 2.57 -7.11
N PHE A 241 1.64 1.35 -7.04
CA PHE A 241 1.31 0.80 -5.73
C PHE A 241 2.51 0.46 -4.85
N ALA A 242 3.69 0.37 -5.47
CA ALA A 242 4.90 0.06 -4.71
C ALA A 242 5.51 1.35 -4.17
N TYR A 243 4.99 2.46 -4.65
CA TYR A 243 5.45 3.76 -4.18
C TYR A 243 4.27 4.28 -3.35
N GLY A 244 3.51 5.19 -3.93
CA GLY A 244 2.38 5.76 -3.24
C GLY A 244 1.63 6.56 -4.27
N LEU A 245 0.33 6.73 -4.09
CA LEU A 245 -0.49 7.50 -5.02
C LEU A 245 0.04 8.91 -5.23
N ASP A 246 0.56 9.49 -4.16
CA ASP A 246 1.08 10.86 -4.21
C ASP A 246 2.27 10.98 -5.16
N VAL A 247 3.04 9.91 -5.30
CA VAL A 247 4.20 9.95 -6.20
C VAL A 247 3.71 10.03 -7.66
N LEU A 248 2.63 9.32 -7.97
CA LEU A 248 2.06 9.37 -9.31
C LEU A 248 1.60 10.80 -9.59
N GLN A 249 0.93 11.40 -8.60
CA GLN A 249 0.45 12.77 -8.76
C GLN A 249 1.61 13.74 -8.99
N ALA A 250 2.70 13.53 -8.26
CA ALA A 250 3.89 14.39 -8.39
C ALA A 250 4.46 14.32 -9.80
N LEU A 251 4.52 13.11 -10.35
CA LEU A 251 5.03 12.92 -11.71
C LEU A 251 4.10 13.61 -12.70
N ARG A 252 2.79 13.46 -12.48
CA ARG A 252 1.80 14.08 -13.36
C ARG A 252 1.87 15.62 -13.34
N GLU A 253 2.08 16.20 -12.17
CA GLU A 253 2.10 17.66 -12.06
C GLU A 253 3.39 18.37 -12.42
N ASP A 254 4.47 17.62 -12.64
CA ASP A 254 5.76 18.23 -12.99
C ASP A 254 5.76 18.60 -14.48
N GLU A 255 5.71 19.89 -14.78
CA GLU A 255 5.68 20.35 -16.16
C GLU A 255 6.95 20.02 -16.96
N GLU A 256 8.02 19.67 -16.28
CA GLU A 256 9.27 19.32 -16.95
C GLU A 256 9.27 17.85 -17.38
N ILE A 257 8.21 17.14 -17.03
CA ILE A 257 8.09 15.74 -17.42
C ILE A 257 7.11 15.71 -18.59
N ALA A 258 5.83 15.91 -18.28
CA ALA A 258 4.78 15.96 -19.30
C ALA A 258 4.85 14.83 -20.33
N VAL A 259 4.91 13.60 -19.84
CA VAL A 259 4.96 12.40 -20.67
C VAL A 259 3.82 11.52 -20.18
N PRO A 260 3.11 10.83 -21.09
CA PRO A 260 2.01 9.96 -20.64
C PRO A 260 2.49 8.99 -19.56
N ILE A 261 1.60 8.63 -18.63
CA ILE A 261 1.94 7.71 -17.56
C ILE A 261 1.01 6.50 -17.58
N MET A 262 1.59 5.31 -17.60
CA MET A 262 0.83 4.06 -17.60
C MET A 262 0.97 3.43 -16.21
N ALA A 263 -0.12 3.34 -15.46
CA ALA A 263 -0.09 2.76 -14.12
C ALA A 263 -0.26 1.25 -14.15
N HIS A 264 0.67 0.55 -13.51
CA HIS A 264 0.65 -0.91 -13.46
C HIS A 264 0.00 -1.37 -12.16
N PRO A 265 -0.80 -2.45 -12.22
CA PRO A 265 -1.49 -2.99 -11.05
C PRO A 265 -0.64 -3.78 -10.05
N ALA A 266 0.65 -3.90 -10.32
CA ALA A 266 1.55 -4.63 -9.42
C ALA A 266 1.35 -4.20 -7.98
N PHE A 267 1.18 -5.19 -7.09
CA PHE A 267 0.95 -5.01 -5.65
C PHE A 267 -0.44 -4.53 -5.24
N SER A 268 -1.28 -4.15 -6.20
CA SER A 268 -2.62 -3.71 -5.84
C SER A 268 -3.41 -4.88 -5.24
N GLY A 269 -3.01 -6.09 -5.62
CA GLY A 269 -3.67 -7.30 -5.11
C GLY A 269 -3.49 -7.54 -3.63
N ALA A 270 -2.56 -6.82 -3.00
CA ALA A 270 -2.36 -6.98 -1.57
C ALA A 270 -3.49 -6.27 -0.83
N VAL A 271 -4.17 -5.39 -1.54
CA VAL A 271 -5.23 -4.57 -0.98
C VAL A 271 -6.67 -4.84 -1.43
N THR A 272 -6.86 -5.27 -2.66
CA THR A 272 -8.20 -5.44 -3.21
C THR A 272 -9.07 -6.70 -3.14
N PRO A 273 -8.48 -7.90 -3.17
CA PRO A 273 -9.23 -9.17 -3.14
C PRO A 273 -10.14 -9.61 -2.00
N SER A 274 -9.85 -9.20 -0.77
CA SER A 274 -10.65 -9.65 0.37
C SER A 274 -12.11 -9.20 0.36
N GLU A 275 -12.98 -10.04 0.92
CA GLU A 275 -14.40 -9.73 1.00
C GLU A 275 -14.67 -8.88 2.23
N PHE A 276 -13.78 -8.93 3.22
CA PHE A 276 -13.97 -8.21 4.47
C PHE A 276 -13.01 -7.05 4.76
N TYR A 277 -11.88 -7.01 4.06
CA TYR A 277 -10.87 -5.98 4.31
C TYR A 277 -10.42 -5.28 3.03
N GLY A 278 -9.48 -4.34 3.20
CA GLY A 278 -8.93 -3.63 2.07
C GLY A 278 -9.74 -2.52 1.43
N VAL A 279 -9.44 -2.27 0.16
CA VAL A 279 -10.09 -1.24 -0.61
C VAL A 279 -10.59 -1.85 -1.92
N ALA A 280 -11.83 -1.53 -2.29
CA ALA A 280 -12.40 -2.05 -3.52
C ALA A 280 -11.62 -1.56 -4.74
N PRO A 281 -11.42 -2.44 -5.73
CA PRO A 281 -10.69 -2.09 -6.95
C PRO A 281 -11.22 -0.90 -7.76
N SER A 282 -12.53 -0.70 -7.77
CA SER A 282 -13.09 0.43 -8.52
C SER A 282 -12.49 1.73 -7.98
N LEU A 283 -12.24 1.76 -6.67
CA LEU A 283 -11.67 2.94 -6.03
C LEU A 283 -10.14 2.96 -6.10
N TRP A 284 -9.52 1.86 -5.70
CA TRP A 284 -8.06 1.74 -5.66
C TRP A 284 -7.37 1.78 -7.03
N LEU A 285 -7.94 1.08 -8.01
CA LEU A 285 -7.37 1.05 -9.34
C LEU A 285 -8.03 2.02 -10.30
N GLY A 286 -9.29 2.35 -10.01
CA GLY A 286 -10.02 3.25 -10.90
C GLY A 286 -10.05 4.73 -10.53
N LYS A 287 -10.97 5.09 -9.65
CA LYS A 287 -11.15 6.49 -9.25
C LYS A 287 -9.87 7.20 -8.79
N LEU A 288 -9.12 6.60 -7.88
CA LEU A 288 -7.93 7.26 -7.36
C LEU A 288 -6.77 7.38 -8.35
N LEU A 289 -6.56 6.37 -9.19
CA LEU A 289 -5.47 6.48 -10.15
C LEU A 289 -5.78 7.52 -11.22
N ARG A 290 -7.05 7.62 -11.62
CA ARG A 290 -7.43 8.62 -12.62
C ARG A 290 -7.20 10.01 -12.05
N LEU A 291 -7.68 10.21 -10.83
CA LEU A 291 -7.54 11.48 -10.14
C LEU A 291 -6.06 11.85 -9.94
N ALA A 292 -5.25 10.85 -9.63
CA ALA A 292 -3.82 11.06 -9.39
C ALA A 292 -3.03 11.42 -10.66
N GLY A 293 -3.52 11.01 -11.83
CA GLY A 293 -2.83 11.35 -13.06
C GLY A 293 -2.47 10.25 -14.05
N ALA A 294 -3.02 9.05 -13.88
CA ALA A 294 -2.70 7.97 -14.82
C ALA A 294 -3.45 8.11 -16.14
N ASP A 295 -2.71 8.06 -17.25
CA ASP A 295 -3.33 8.16 -18.58
C ASP A 295 -3.84 6.80 -19.02
N PHE A 296 -3.19 5.75 -18.50
CA PHE A 296 -3.56 4.37 -18.77
C PHE A 296 -3.61 3.67 -17.42
N VAL A 297 -4.56 2.76 -17.25
CA VAL A 297 -4.62 1.98 -16.02
C VAL A 297 -4.84 0.52 -16.42
N LEU A 298 -3.86 -0.31 -16.12
CA LEU A 298 -3.96 -1.74 -16.41
C LEU A 298 -4.56 -2.34 -15.15
N PHE A 299 -5.56 -3.21 -15.31
CA PHE A 299 -6.22 -3.81 -14.17
C PHE A 299 -6.64 -5.24 -14.52
N PRO A 300 -6.87 -6.08 -13.50
CA PRO A 300 -7.28 -7.47 -13.72
C PRO A 300 -8.51 -7.60 -14.61
N SER A 301 -8.35 -8.29 -15.73
CA SER A 301 -9.44 -8.48 -16.67
C SER A 301 -10.42 -9.50 -16.10
N PRO A 302 -11.64 -9.52 -16.63
CA PRO A 302 -12.68 -10.46 -16.18
C PRO A 302 -12.63 -11.76 -16.98
N TYR A 303 -11.44 -12.09 -17.49
CA TYR A 303 -11.25 -13.30 -18.29
C TYR A 303 -10.06 -14.12 -17.80
N GLY A 304 -10.08 -15.42 -18.06
CA GLY A 304 -8.97 -16.26 -17.67
C GLY A 304 -8.96 -16.89 -16.29
N SER A 305 -7.84 -17.54 -15.97
CA SER A 305 -7.64 -18.24 -14.71
C SER A 305 -7.87 -17.46 -13.42
N VAL A 306 -7.53 -16.18 -13.42
CA VAL A 306 -7.71 -15.36 -12.22
C VAL A 306 -8.59 -14.16 -12.52
N ALA A 307 -9.60 -14.38 -13.35
CA ALA A 307 -10.52 -13.33 -13.75
C ALA A 307 -11.16 -12.60 -12.57
N LEU A 308 -11.24 -11.27 -12.71
CA LEU A 308 -11.87 -10.44 -11.69
C LEU A 308 -13.36 -10.49 -12.00
N GLU A 309 -14.19 -10.55 -10.95
CA GLU A 309 -15.62 -10.60 -11.14
C GLU A 309 -16.02 -9.53 -12.17
N ARG A 310 -16.81 -9.93 -13.16
CA ARG A 310 -17.22 -9.02 -14.23
C ARG A 310 -17.64 -7.62 -13.81
N GLU A 311 -18.60 -7.52 -12.89
CA GLU A 311 -19.07 -6.20 -12.45
C GLU A 311 -17.95 -5.37 -11.82
N GLN A 312 -17.00 -6.03 -11.17
CA GLN A 312 -15.87 -5.33 -10.56
C GLN A 312 -15.04 -4.69 -11.65
N ALA A 313 -14.73 -5.47 -12.69
CA ALA A 313 -13.94 -4.99 -13.81
C ALA A 313 -14.63 -3.82 -14.50
N LEU A 314 -15.93 -3.95 -14.73
CA LEU A 314 -16.68 -2.89 -15.39
C LEU A 314 -16.68 -1.65 -14.49
N GLY A 315 -16.74 -1.87 -13.19
CA GLY A 315 -16.73 -0.76 -12.24
C GLY A 315 -15.44 0.04 -12.36
N ILE A 316 -14.33 -0.66 -12.54
CA ILE A 316 -13.03 0.00 -12.67
C ILE A 316 -13.05 0.85 -13.94
N ALA A 317 -13.45 0.27 -15.06
CA ALA A 317 -13.50 0.99 -16.32
C ALA A 317 -14.42 2.20 -16.24
N ARG A 318 -15.57 2.06 -15.59
CA ARG A 318 -16.48 3.20 -15.47
C ARG A 318 -15.83 4.34 -14.70
N ALA A 319 -15.15 4.01 -13.61
CA ALA A 319 -14.48 5.02 -12.80
C ALA A 319 -13.41 5.74 -13.62
N LEU A 320 -12.74 5.00 -14.49
CA LEU A 320 -11.69 5.58 -15.33
C LEU A 320 -12.19 6.50 -16.44
N THR A 321 -13.40 6.22 -16.93
CA THR A 321 -13.94 6.99 -18.06
C THR A 321 -15.18 7.88 -17.85
N ASP A 322 -15.81 7.77 -16.69
CA ASP A 322 -17.00 8.58 -16.40
C ASP A 322 -16.74 10.05 -16.72
N ASP A 323 -17.43 10.62 -17.69
CA ASP A 323 -17.19 12.01 -18.04
C ASP A 323 -17.87 13.02 -17.12
N GLN A 324 -18.42 12.56 -16.01
CA GLN A 324 -19.05 13.44 -15.04
C GLN A 324 -17.96 14.00 -14.12
N GLU A 325 -16.77 13.39 -14.19
CA GLU A 325 -15.64 13.83 -13.37
C GLU A 325 -14.88 14.96 -14.05
N PRO A 326 -14.29 15.87 -13.26
CA PRO A 326 -13.53 17.01 -13.78
C PRO A 326 -12.12 16.62 -14.24
N PHE A 327 -11.94 15.35 -14.55
CA PHE A 327 -10.64 14.85 -14.99
C PHE A 327 -10.75 14.25 -16.38
N ALA A 328 -9.65 14.25 -17.12
CA ALA A 328 -9.68 13.64 -18.44
C ALA A 328 -9.91 12.15 -18.20
N ARG A 329 -10.42 11.45 -19.22
CA ARG A 329 -10.67 10.02 -19.10
C ARG A 329 -9.36 9.23 -19.20
N ALA A 330 -9.21 8.19 -18.40
CA ALA A 330 -8.01 7.36 -18.44
C ALA A 330 -8.34 6.08 -19.23
N PHE A 331 -7.36 5.59 -19.97
CA PHE A 331 -7.56 4.39 -20.78
C PHE A 331 -7.67 3.12 -19.95
N PRO A 332 -8.81 2.41 -20.05
CA PRO A 332 -8.96 1.17 -19.28
C PRO A 332 -8.23 0.08 -20.07
N VAL A 333 -7.42 -0.71 -19.38
CA VAL A 333 -6.66 -1.77 -20.03
C VAL A 333 -6.82 -3.09 -19.28
N PRO A 334 -7.91 -3.82 -19.53
CA PRO A 334 -8.09 -5.09 -18.82
C PRO A 334 -6.92 -5.99 -19.22
N SER A 335 -6.27 -6.57 -18.21
CA SER A 335 -5.09 -7.40 -18.46
C SER A 335 -5.13 -8.79 -17.86
N ALA A 336 -4.47 -9.72 -18.56
CA ALA A 336 -4.38 -11.13 -18.20
C ALA A 336 -5.51 -11.94 -18.83
N GLY A 337 -5.20 -13.17 -19.23
CA GLY A 337 -6.19 -14.05 -19.84
C GLY A 337 -6.66 -13.57 -21.20
N ILE A 338 -5.82 -12.79 -21.88
CA ILE A 338 -6.17 -12.25 -23.18
C ILE A 338 -5.63 -13.01 -24.39
N HIS A 339 -6.48 -13.17 -25.40
CA HIS A 339 -6.10 -13.83 -26.66
C HIS A 339 -7.05 -13.32 -27.75
N PRO A 340 -6.60 -13.31 -29.01
CA PRO A 340 -7.42 -12.84 -30.12
C PRO A 340 -8.87 -13.31 -30.15
N GLY A 341 -9.10 -14.53 -29.68
CA GLY A 341 -10.46 -15.07 -29.66
C GLY A 341 -11.38 -14.37 -28.68
N LEU A 342 -10.81 -13.51 -27.84
CA LEU A 342 -11.59 -12.76 -26.84
C LEU A 342 -11.85 -11.32 -27.28
N VAL A 343 -11.21 -10.88 -28.35
CA VAL A 343 -11.38 -9.52 -28.81
C VAL A 343 -12.85 -9.10 -28.93
N PRO A 344 -13.69 -9.95 -29.53
CA PRO A 344 -15.10 -9.56 -29.66
C PRO A 344 -15.75 -9.29 -28.28
N LEU A 345 -15.44 -10.12 -27.31
CA LEU A 345 -16.01 -9.95 -25.97
C LEU A 345 -15.44 -8.73 -25.25
N ILE A 346 -14.15 -8.48 -25.43
CA ILE A 346 -13.51 -7.33 -24.81
C ILE A 346 -14.19 -6.05 -25.27
N ILE A 347 -14.36 -5.92 -26.58
CA ILE A 347 -14.99 -4.74 -27.14
C ILE A 347 -16.45 -4.61 -26.70
N ARG A 348 -17.15 -5.73 -26.61
CA ARG A 348 -18.54 -5.68 -26.17
C ARG A 348 -18.65 -5.23 -24.72
N ASP A 349 -17.76 -5.76 -23.87
CA ASP A 349 -17.76 -5.41 -22.46
C ASP A 349 -17.27 -3.99 -22.18
N PHE A 350 -16.15 -3.61 -22.80
CA PHE A 350 -15.55 -2.30 -22.54
C PHE A 350 -15.70 -1.19 -23.57
N GLY A 351 -16.20 -1.51 -24.76
CA GLY A 351 -16.36 -0.48 -25.77
C GLY A 351 -15.12 -0.22 -26.61
N LEU A 352 -15.23 0.74 -27.51
CA LEU A 352 -14.14 1.07 -28.42
C LEU A 352 -12.97 1.78 -27.76
N ASP A 353 -13.22 2.49 -26.67
CA ASP A 353 -12.15 3.19 -25.98
C ASP A 353 -11.51 2.35 -24.90
N THR A 354 -10.86 1.28 -25.35
CA THR A 354 -10.18 0.38 -24.46
C THR A 354 -8.94 -0.08 -25.20
N ILE A 355 -8.04 -0.75 -24.48
CA ILE A 355 -6.84 -1.25 -25.12
C ILE A 355 -6.82 -2.76 -24.93
N VAL A 356 -6.59 -3.47 -26.03
CA VAL A 356 -6.49 -4.92 -26.00
C VAL A 356 -5.06 -5.21 -25.61
N ASN A 357 -4.88 -5.76 -24.42
CA ASN A 357 -3.54 -6.07 -23.93
C ASN A 357 -3.16 -7.50 -24.27
N ALA A 358 -2.42 -7.67 -25.36
CA ALA A 358 -2.00 -9.00 -25.78
C ALA A 358 -0.97 -9.55 -24.79
N GLY A 359 -0.44 -8.66 -23.96
CA GLY A 359 0.54 -9.07 -22.96
C GLY A 359 1.74 -9.79 -23.55
N GLY A 360 2.34 -10.67 -22.76
CA GLY A 360 3.49 -11.42 -23.25
C GLY A 360 3.04 -12.58 -24.12
N GLY A 361 1.74 -12.83 -24.12
CA GLY A 361 1.19 -13.93 -24.90
C GLY A 361 1.34 -13.75 -26.41
N ILE A 362 1.50 -12.52 -26.85
CA ILE A 362 1.65 -12.23 -28.29
C ILE A 362 2.80 -13.02 -28.90
N HIS A 363 3.75 -13.40 -28.07
CA HIS A 363 4.92 -14.15 -28.51
C HIS A 363 4.62 -15.64 -28.64
N GLY A 364 3.50 -16.07 -28.06
CA GLY A 364 3.12 -17.47 -28.11
C GLY A 364 2.40 -17.90 -29.37
N HIS A 365 2.31 -16.99 -30.34
CA HIS A 365 1.66 -17.28 -31.61
C HIS A 365 2.62 -18.05 -32.51
N PRO A 366 2.11 -19.09 -33.20
CA PRO A 366 2.90 -19.93 -34.11
C PRO A 366 3.93 -19.17 -34.95
N ASP A 367 3.62 -17.94 -35.30
CA ASP A 367 4.52 -17.13 -36.12
C ASP A 367 5.19 -15.97 -35.38
N GLY A 368 5.42 -16.16 -34.08
CA GLY A 368 6.07 -15.13 -33.29
C GLY A 368 5.19 -13.94 -32.97
N ALA A 369 5.82 -12.85 -32.55
CA ALA A 369 5.11 -11.62 -32.19
C ALA A 369 4.44 -10.99 -33.40
N ILE A 370 5.12 -11.04 -34.55
CA ILE A 370 4.56 -10.46 -35.77
C ILE A 370 3.23 -11.14 -36.10
N GLY A 371 3.22 -12.47 -36.05
CA GLY A 371 2.00 -13.19 -36.33
C GLY A 371 0.96 -12.92 -35.26
N GLY A 372 1.41 -12.87 -34.01
CA GLY A 372 0.50 -12.61 -32.92
C GLY A 372 -0.14 -11.23 -33.03
N GLY A 373 0.66 -10.24 -33.43
CA GLY A 373 0.15 -8.90 -33.59
C GLY A 373 -0.84 -8.80 -34.73
N ARG A 374 -0.53 -9.48 -35.83
CA ARG A 374 -1.41 -9.47 -36.99
C ARG A 374 -2.73 -10.13 -36.65
N ALA A 375 -2.68 -11.17 -35.83
CA ALA A 375 -3.89 -11.89 -35.43
C ALA A 375 -4.80 -10.96 -34.64
N PHE A 376 -4.22 -10.21 -33.71
CA PHE A 376 -5.00 -9.29 -32.90
C PHE A 376 -5.57 -8.14 -33.73
N ARG A 377 -4.75 -7.56 -34.61
CA ARG A 377 -5.21 -6.47 -35.46
C ARG A 377 -6.34 -6.93 -36.36
N ALA A 378 -6.23 -8.14 -36.90
CA ALA A 378 -7.27 -8.68 -37.76
C ALA A 378 -8.56 -8.86 -36.95
N ALA A 379 -8.42 -9.35 -35.72
CA ALA A 379 -9.56 -9.57 -34.84
C ALA A 379 -10.29 -8.27 -34.52
N ILE A 380 -9.52 -7.21 -34.25
CA ILE A 380 -10.12 -5.92 -33.94
C ILE A 380 -10.86 -5.40 -35.16
N ASP A 381 -10.20 -5.43 -36.33
CA ASP A 381 -10.83 -4.96 -37.56
C ASP A 381 -12.12 -5.72 -37.83
N ALA A 382 -12.10 -7.03 -37.62
CA ALA A 382 -13.26 -7.87 -37.85
C ALA A 382 -14.46 -7.41 -37.01
N VAL A 383 -14.22 -7.16 -35.72
CA VAL A 383 -15.28 -6.72 -34.82
C VAL A 383 -15.88 -5.40 -35.27
N LEU A 384 -15.03 -4.46 -35.64
CA LEU A 384 -15.50 -3.16 -36.07
C LEU A 384 -16.25 -3.23 -37.41
N ALA A 385 -15.91 -4.23 -38.23
CA ALA A 385 -16.56 -4.41 -39.51
C ALA A 385 -17.81 -5.26 -39.36
N GLY A 386 -18.15 -5.61 -38.12
CA GLY A 386 -19.31 -6.43 -37.87
C GLY A 386 -19.21 -7.79 -38.53
N ARG A 387 -18.09 -8.46 -38.31
CA ARG A 387 -17.86 -9.78 -38.90
C ARG A 387 -17.38 -10.78 -37.86
N PRO A 388 -17.76 -12.06 -38.02
CA PRO A 388 -17.34 -13.10 -37.08
C PRO A 388 -15.84 -13.34 -37.30
N LEU A 389 -15.10 -13.62 -36.24
CA LEU A 389 -13.67 -13.85 -36.38
C LEU A 389 -13.34 -14.94 -37.38
N ARG A 390 -14.07 -16.04 -37.32
CA ARG A 390 -13.84 -17.14 -38.25
C ARG A 390 -14.05 -16.69 -39.68
N ALA A 391 -15.00 -15.78 -39.88
CA ALA A 391 -15.26 -15.25 -41.21
C ALA A 391 -14.02 -14.49 -41.67
N ALA A 392 -13.50 -13.64 -40.79
CA ALA A 392 -12.31 -12.85 -41.09
C ALA A 392 -11.07 -13.74 -41.11
N ALA A 393 -11.09 -14.78 -40.28
CA ALA A 393 -9.97 -15.71 -40.19
C ALA A 393 -9.81 -16.50 -41.48
N ALA A 394 -10.94 -16.80 -42.12
CA ALA A 394 -10.93 -17.54 -43.37
C ALA A 394 -10.21 -16.73 -44.44
N GLU A 395 -9.88 -15.48 -44.10
CA GLU A 395 -9.20 -14.58 -45.02
C GLU A 395 -7.91 -14.05 -44.41
N ASN A 396 -7.64 -14.46 -43.17
CA ASN A 396 -6.44 -14.03 -42.47
C ASN A 396 -5.81 -15.22 -41.75
N GLU A 397 -4.72 -15.73 -42.30
CA GLU A 397 -4.03 -16.88 -41.72
C GLU A 397 -3.51 -16.64 -40.30
N ALA A 398 -2.85 -15.50 -40.08
CA ALA A 398 -2.33 -15.17 -38.76
C ALA A 398 -3.44 -15.36 -37.73
N LEU A 399 -4.61 -14.82 -38.04
CA LEU A 399 -5.76 -14.93 -37.15
C LEU A 399 -6.28 -16.36 -37.14
N GLN A 400 -6.13 -17.05 -38.27
CA GLN A 400 -6.58 -18.43 -38.37
C GLN A 400 -5.80 -19.29 -37.38
N LYS A 401 -4.48 -19.14 -37.40
CA LYS A 401 -3.59 -19.88 -36.51
C LYS A 401 -4.02 -19.69 -35.06
N ALA A 402 -4.22 -18.43 -34.66
CA ALA A 402 -4.61 -18.09 -33.30
C ALA A 402 -5.92 -18.75 -32.89
N ILE A 403 -6.93 -18.63 -33.73
CA ILE A 403 -8.24 -19.20 -33.44
C ILE A 403 -8.19 -20.72 -33.22
N ASP A 404 -7.44 -21.40 -34.07
CA ASP A 404 -7.32 -22.85 -33.96
C ASP A 404 -6.67 -23.26 -32.66
N ARG A 405 -5.70 -22.46 -32.20
CA ARG A 405 -4.98 -22.75 -30.98
C ARG A 405 -5.70 -22.35 -29.68
N TRP A 406 -6.42 -21.23 -29.71
CA TRP A 406 -7.10 -20.75 -28.50
C TRP A 406 -8.63 -20.67 -28.60
N GLY A 407 -9.16 -20.82 -29.81
CA GLY A 407 -10.60 -20.78 -29.99
C GLY A 407 -11.23 -19.39 -30.01
N VAL A 408 -12.56 -19.35 -29.99
CA VAL A 408 -13.31 -18.10 -30.02
C VAL A 408 -14.34 -18.07 -28.90
N VAL A 409 -14.41 -16.95 -28.18
CA VAL A 409 -15.34 -16.80 -27.07
C VAL A 409 -16.65 -16.16 -27.54
N GLU A 410 -17.77 -16.77 -27.14
CA GLU A 410 -19.09 -16.28 -27.53
C GLU A 410 -19.42 -14.95 -26.87
N VAL A 411 -19.91 -14.01 -27.67
CA VAL A 411 -20.26 -12.68 -27.17
C VAL A 411 -21.77 -12.49 -27.06
N GLU A 412 -22.54 -13.38 -27.67
CA GLU A 412 -24.00 -13.29 -27.64
C GLU A 412 -24.55 -13.48 -26.23
N ALA A 413 -25.46 -12.60 -25.83
CA ALA A 413 -26.08 -12.65 -24.52
C ALA A 413 -27.19 -13.70 -24.46
N SER B 2 23.54 -14.86 -4.77
CA SER B 2 22.62 -14.48 -3.66
C SER B 2 21.21 -14.26 -4.18
N ALA B 3 20.23 -14.61 -3.36
CA ALA B 3 18.83 -14.45 -3.77
C ALA B 3 17.91 -14.18 -2.58
N VAL B 4 16.86 -13.42 -2.84
CA VAL B 4 15.87 -13.13 -1.81
C VAL B 4 14.91 -14.31 -1.86
N MET B 5 14.61 -14.88 -0.70
CA MET B 5 13.68 -15.99 -0.65
C MET B 5 12.37 -15.53 -0.06
N ALA B 6 11.31 -15.64 -0.85
CA ALA B 6 9.99 -15.23 -0.41
C ALA B 6 9.22 -16.46 0.02
N THR B 7 8.49 -16.34 1.12
CA THR B 7 7.67 -17.43 1.63
C THR B 7 6.21 -17.03 1.46
N TYR B 8 5.45 -17.89 0.78
CA TYR B 8 4.04 -17.63 0.52
C TYR B 8 3.11 -18.72 1.04
N LEU B 9 1.86 -18.34 1.25
CA LEU B 9 0.82 -19.27 1.67
C LEU B 9 -0.13 -19.32 0.49
N LEU B 10 -0.28 -20.50 -0.11
CA LEU B 10 -1.17 -20.65 -1.26
C LEU B 10 -2.36 -21.54 -0.99
N HIS B 11 -3.50 -21.18 -1.57
CA HIS B 11 -4.72 -21.95 -1.49
C HIS B 11 -5.05 -22.14 -2.96
N ASP B 12 -5.37 -23.36 -3.39
CA ASP B 12 -5.66 -23.58 -4.79
C ASP B 12 -6.28 -24.94 -5.07
N GLU B 13 -6.92 -25.06 -6.24
CA GLU B 13 -7.53 -26.32 -6.64
C GLU B 13 -6.65 -26.99 -7.68
N THR B 14 -5.68 -26.26 -8.21
CA THR B 14 -4.77 -26.81 -9.21
C THR B 14 -3.43 -27.14 -8.55
N ASP B 15 -2.62 -27.96 -9.22
CA ASP B 15 -1.34 -28.37 -8.68
C ASP B 15 -0.48 -27.21 -8.19
N ILE B 16 -0.16 -27.23 -6.90
CA ILE B 16 0.65 -26.16 -6.29
C ILE B 16 2.06 -26.11 -6.86
N ARG B 17 2.69 -27.28 -7.04
CA ARG B 17 4.03 -27.32 -7.58
C ARG B 17 4.09 -26.68 -8.96
N LYS B 18 3.06 -26.91 -9.77
CA LYS B 18 3.01 -26.34 -11.12
C LYS B 18 3.04 -24.82 -10.99
N LYS B 19 2.15 -24.28 -10.17
CA LYS B 19 2.07 -22.83 -9.97
C LYS B 19 3.38 -22.26 -9.45
N ALA B 20 4.00 -22.96 -8.51
CA ALA B 20 5.27 -22.51 -7.93
C ALA B 20 6.35 -22.41 -8.99
N GLU B 21 6.52 -23.46 -9.80
CA GLU B 21 7.53 -23.42 -10.84
C GLU B 21 7.21 -22.30 -11.82
N GLY B 22 5.92 -22.12 -12.10
CA GLY B 22 5.50 -21.07 -13.01
C GLY B 22 5.88 -19.70 -12.50
N ILE B 23 5.71 -19.48 -11.20
CA ILE B 23 6.05 -18.22 -10.57
C ILE B 23 7.57 -17.99 -10.60
N ALA B 24 8.32 -19.03 -10.21
CA ALA B 24 9.77 -18.94 -10.20
C ALA B 24 10.32 -18.56 -11.58
N LEU B 25 9.81 -19.19 -12.63
CA LEU B 25 10.26 -18.91 -13.98
C LEU B 25 9.66 -17.63 -14.55
N GLY B 26 8.33 -17.54 -14.53
CA GLY B 26 7.64 -16.38 -15.06
C GLY B 26 8.07 -15.04 -14.48
N LEU B 27 8.36 -15.02 -13.19
CA LEU B 27 8.77 -13.78 -12.55
C LEU B 27 10.26 -13.54 -12.56
N THR B 28 10.99 -14.35 -13.34
CA THR B 28 12.42 -14.17 -13.49
C THR B 28 12.82 -14.12 -14.96
N ILE B 29 13.33 -15.21 -15.51
CA ILE B 29 13.76 -15.20 -16.91
C ILE B 29 12.68 -15.49 -17.94
N GLY B 30 11.54 -16.00 -17.51
CA GLY B 30 10.45 -16.26 -18.44
C GLY B 30 10.55 -17.55 -19.24
N THR B 31 11.69 -17.77 -19.89
CA THR B 31 11.87 -18.98 -20.68
C THR B 31 13.21 -19.60 -20.35
N TRP B 32 13.33 -20.91 -20.53
CA TRP B 32 14.58 -21.59 -20.22
C TRP B 32 14.84 -22.79 -21.14
N THR B 33 13.86 -23.66 -21.26
CA THR B 33 14.00 -24.87 -22.09
C THR B 33 14.31 -24.59 -23.56
N ASP B 34 13.72 -23.54 -24.11
CA ASP B 34 13.91 -23.19 -25.51
C ASP B 34 15.21 -22.43 -25.79
N LEU B 35 15.96 -22.13 -24.73
CA LEU B 35 17.21 -21.38 -24.87
C LEU B 35 18.45 -22.22 -25.17
N PRO B 36 19.31 -21.72 -26.07
CA PRO B 36 20.55 -22.42 -26.44
C PRO B 36 21.48 -22.50 -25.24
N ALA B 37 22.23 -23.59 -25.13
CA ALA B 37 23.16 -23.79 -24.03
C ALA B 37 23.98 -22.54 -23.69
N LEU B 38 24.29 -21.75 -24.72
CA LEU B 38 25.07 -20.54 -24.54
C LEU B 38 24.30 -19.48 -23.76
N GLU B 39 23.00 -19.36 -24.04
CA GLU B 39 22.16 -18.39 -23.36
C GLU B 39 21.84 -18.85 -21.94
N GLN B 40 21.65 -20.15 -21.76
CA GLN B 40 21.34 -20.69 -20.45
C GLN B 40 22.44 -20.38 -19.44
N GLU B 41 23.70 -20.59 -19.83
CA GLU B 41 24.82 -20.32 -18.95
C GLU B 41 24.89 -18.82 -18.64
N GLN B 42 24.48 -18.01 -19.61
CA GLN B 42 24.48 -16.55 -19.44
C GLN B 42 23.34 -16.09 -18.54
N LEU B 43 22.19 -16.73 -18.67
CA LEU B 43 21.01 -16.38 -17.88
C LEU B 43 20.82 -17.20 -16.60
N ARG B 44 21.71 -18.14 -16.35
CA ARG B 44 21.64 -18.98 -15.17
C ARG B 44 21.49 -18.11 -13.92
N LYS B 45 22.34 -17.08 -13.83
CA LYS B 45 22.35 -16.15 -12.70
C LYS B 45 20.97 -15.58 -12.38
N HIS B 46 20.19 -15.33 -13.43
CA HIS B 46 18.86 -14.73 -13.29
C HIS B 46 17.68 -15.65 -13.09
N LYS B 47 17.91 -16.95 -13.15
CA LYS B 47 16.83 -17.92 -13.02
C LYS B 47 16.30 -18.12 -11.61
N GLY B 48 14.99 -17.95 -11.45
CA GLY B 48 14.36 -18.14 -10.15
C GLY B 48 14.16 -19.62 -9.92
N GLU B 49 14.04 -20.02 -8.66
CA GLU B 49 13.85 -21.43 -8.33
C GLU B 49 12.94 -21.63 -7.13
N VAL B 50 12.21 -22.74 -7.15
CA VAL B 50 11.31 -23.10 -6.06
C VAL B 50 12.20 -23.77 -5.01
N VAL B 51 12.36 -23.11 -3.87
CA VAL B 51 13.22 -23.64 -2.80
C VAL B 51 12.57 -24.77 -2.01
N ALA B 52 11.29 -24.63 -1.69
CA ALA B 52 10.60 -25.66 -0.93
C ALA B 52 9.08 -25.52 -0.98
N ILE B 53 8.40 -26.62 -0.71
CA ILE B 53 6.94 -26.64 -0.69
C ILE B 53 6.46 -27.49 0.48
N GLU B 54 5.81 -26.85 1.44
CA GLU B 54 5.29 -27.57 2.59
C GLU B 54 3.79 -27.73 2.44
N GLU B 55 3.34 -28.94 2.14
CA GLU B 55 1.92 -29.19 1.98
C GLU B 55 1.26 -29.12 3.34
N LEU B 56 0.11 -28.45 3.41
CA LEU B 56 -0.62 -28.31 4.65
C LEU B 56 -1.92 -29.10 4.58
N GLY B 57 -2.56 -29.27 5.73
CA GLY B 57 -3.80 -30.00 5.77
C GLY B 57 -4.93 -29.18 5.16
N GLU B 58 -5.72 -29.82 4.29
CA GLU B 58 -6.85 -29.14 3.67
C GLU B 58 -7.74 -28.66 4.80
N SER B 59 -8.31 -27.46 4.66
CA SER B 59 -9.17 -26.90 5.70
C SER B 59 -10.66 -26.95 5.35
N GLU B 60 -11.43 -27.63 6.20
CA GLU B 60 -12.88 -27.74 6.00
C GLU B 60 -13.51 -26.35 5.99
N ARG B 61 -13.12 -25.54 6.96
CA ARG B 61 -13.63 -24.18 7.11
C ARG B 61 -13.36 -23.38 5.84
N VAL B 62 -12.13 -23.46 5.33
CA VAL B 62 -11.75 -22.75 4.12
C VAL B 62 -12.53 -23.27 2.92
N ASN B 63 -12.64 -24.59 2.80
CA ASN B 63 -13.37 -25.18 1.68
C ASN B 63 -14.84 -24.77 1.70
N ALA B 64 -15.43 -24.72 2.89
CA ALA B 64 -16.84 -24.33 3.02
C ALA B 64 -17.02 -22.89 2.60
N TYR B 65 -16.07 -22.04 2.98
CA TYR B 65 -16.12 -20.63 2.64
C TYR B 65 -16.05 -20.40 1.14
N PHE B 66 -15.09 -21.04 0.48
CA PHE B 66 -14.92 -20.91 -0.97
C PHE B 66 -15.88 -21.79 -1.77
N GLY B 67 -16.49 -22.75 -1.10
CA GLY B 67 -17.41 -23.64 -1.78
C GLY B 67 -16.70 -24.61 -2.68
N LYS B 68 -15.40 -24.78 -2.44
CA LYS B 68 -14.57 -25.69 -3.23
C LYS B 68 -13.46 -26.28 -2.36
N ARG B 69 -12.86 -27.37 -2.83
CA ARG B 69 -11.78 -28.02 -2.09
C ARG B 69 -10.47 -27.39 -2.53
N LEU B 70 -9.80 -26.72 -1.60
CA LEU B 70 -8.54 -26.05 -1.90
C LEU B 70 -7.36 -26.65 -1.14
N LYS B 71 -6.32 -27.01 -1.87
CA LYS B 71 -5.12 -27.55 -1.25
C LYS B 71 -4.37 -26.34 -0.71
N ARG B 72 -3.69 -26.51 0.42
CA ARG B 72 -2.95 -25.41 1.02
C ARG B 72 -1.48 -25.79 1.15
N ALA B 73 -0.60 -24.81 0.98
CA ALA B 73 0.83 -25.08 1.08
C ALA B 73 1.65 -23.80 1.26
N ILE B 74 2.81 -23.97 1.89
CA ILE B 74 3.72 -22.85 2.09
C ILE B 74 4.78 -23.05 1.02
N VAL B 75 4.94 -22.05 0.16
CA VAL B 75 5.89 -22.13 -0.93
C VAL B 75 7.01 -21.12 -0.76
N LYS B 76 8.25 -21.56 -0.97
CA LYS B 76 9.40 -20.69 -0.85
C LYS B 76 10.08 -20.60 -2.21
N ILE B 77 10.23 -19.37 -2.69
CA ILE B 77 10.86 -19.13 -3.99
C ILE B 77 12.05 -18.19 -3.87
N ALA B 78 13.14 -18.56 -4.54
CA ALA B 78 14.37 -17.78 -4.54
C ALA B 78 14.45 -16.87 -5.77
N TYR B 79 14.61 -15.59 -5.52
CA TYR B 79 14.72 -14.58 -6.58
C TYR B 79 16.13 -13.99 -6.57
N PRO B 80 16.92 -14.23 -7.63
CA PRO B 80 18.28 -13.70 -7.69
C PRO B 80 18.29 -12.18 -7.53
N THR B 81 19.12 -11.68 -6.62
CA THR B 81 19.18 -10.25 -6.38
C THR B 81 19.75 -9.49 -7.58
N VAL B 82 20.34 -10.21 -8.53
CA VAL B 82 20.89 -9.56 -9.71
C VAL B 82 19.78 -9.19 -10.68
N ASN B 83 18.55 -9.64 -10.39
CA ASN B 83 17.39 -9.38 -11.24
C ASN B 83 16.72 -8.04 -10.99
N PHE B 84 16.94 -7.47 -9.81
CA PHE B 84 16.30 -6.20 -9.49
C PHE B 84 17.22 -5.23 -8.78
N SER B 85 16.87 -3.95 -8.84
CA SER B 85 17.68 -2.93 -8.19
C SER B 85 17.52 -3.00 -6.67
N ALA B 86 18.52 -2.48 -5.96
CA ALA B 86 18.53 -2.51 -4.50
C ALA B 86 17.64 -1.45 -3.85
N ASP B 87 16.34 -1.62 -3.98
CA ASP B 87 15.38 -0.70 -3.37
C ASP B 87 14.11 -1.46 -3.03
N LEU B 88 13.36 -0.95 -2.05
CA LEU B 88 12.15 -1.63 -1.62
C LEU B 88 11.06 -1.72 -2.70
N PRO B 89 10.91 -0.67 -3.54
CA PRO B 89 9.86 -0.81 -4.55
C PRO B 89 10.15 -2.00 -5.50
N ALA B 90 11.42 -2.16 -5.86
CA ALA B 90 11.80 -3.26 -6.76
C ALA B 90 11.56 -4.60 -6.06
N LEU B 91 11.90 -4.64 -4.77
CA LEU B 91 11.71 -5.85 -3.97
C LEU B 91 10.25 -6.27 -3.95
N LEU B 92 9.35 -5.32 -3.66
CA LEU B 92 7.92 -5.62 -3.59
C LEU B 92 7.33 -6.03 -4.93
N VAL B 93 7.70 -5.31 -5.98
CA VAL B 93 7.19 -5.62 -7.31
C VAL B 93 7.68 -6.99 -7.76
N THR B 94 8.92 -7.32 -7.45
CA THR B 94 9.48 -8.61 -7.86
C THR B 94 8.85 -9.78 -7.11
N THR B 95 8.73 -9.65 -5.79
CA THR B 95 8.18 -10.73 -5.00
C THR B 95 6.67 -10.75 -4.78
N PHE B 96 5.99 -9.64 -5.03
CA PHE B 96 4.55 -9.63 -4.82
C PHE B 96 3.85 -8.54 -5.65
N GLY B 97 4.24 -8.45 -6.92
CA GLY B 97 3.65 -7.47 -7.82
C GLY B 97 2.51 -8.13 -8.55
N LYS B 98 2.82 -8.72 -9.70
CA LYS B 98 1.83 -9.43 -10.49
C LYS B 98 1.29 -10.59 -9.66
N LEU B 99 2.17 -11.18 -8.84
CA LEU B 99 1.77 -12.32 -8.02
C LEU B 99 0.66 -11.97 -7.03
N SER B 100 0.58 -10.71 -6.60
CA SER B 100 -0.46 -10.30 -5.66
C SER B 100 -1.83 -10.39 -6.32
N LEU B 101 -1.84 -10.51 -7.65
CA LEU B 101 -3.08 -10.58 -8.42
C LEU B 101 -3.45 -12.01 -8.77
N ASP B 102 -2.57 -12.95 -8.45
CA ASP B 102 -2.77 -14.35 -8.80
C ASP B 102 -3.64 -15.20 -7.88
N GLY B 103 -4.88 -14.78 -7.66
CA GLY B 103 -5.78 -15.53 -6.81
C GLY B 103 -5.42 -15.55 -5.34
N GLU B 104 -5.48 -16.72 -4.72
CA GLU B 104 -5.16 -16.82 -3.29
C GLU B 104 -3.69 -17.05 -3.00
N VAL B 105 -2.96 -15.94 -2.83
CA VAL B 105 -1.55 -15.99 -2.52
C VAL B 105 -1.29 -14.89 -1.48
N ARG B 106 -0.63 -15.25 -0.39
CA ARG B 106 -0.33 -14.30 0.67
C ARG B 106 1.16 -14.33 0.97
N LEU B 107 1.80 -13.16 1.00
CA LEU B 107 3.22 -13.09 1.29
C LEU B 107 3.44 -13.16 2.80
N LEU B 108 4.12 -14.20 3.26
CA LEU B 108 4.36 -14.39 4.69
C LEU B 108 5.69 -13.86 5.21
N ASP B 109 6.74 -13.96 4.40
CA ASP B 109 8.05 -13.53 4.84
C ASP B 109 9.00 -13.32 3.68
N LEU B 110 10.08 -12.58 3.94
CA LEU B 110 11.11 -12.32 2.95
C LEU B 110 12.43 -12.48 3.69
N GLU B 111 13.36 -13.23 3.12
CA GLU B 111 14.67 -13.41 3.71
C GLU B 111 15.68 -12.90 2.73
N PHE B 112 16.59 -12.07 3.23
CA PHE B 112 17.60 -11.45 2.39
C PHE B 112 18.99 -11.92 2.75
N PRO B 113 19.88 -12.00 1.76
CA PRO B 113 21.25 -12.43 2.06
C PRO B 113 21.82 -11.26 2.85
N ASP B 114 22.62 -11.55 3.88
CA ASP B 114 23.18 -10.47 4.69
C ASP B 114 23.76 -9.37 3.81
N GLU B 115 24.44 -9.75 2.74
CA GLU B 115 25.05 -8.79 1.83
C GLU B 115 24.06 -7.81 1.22
N TRP B 116 22.84 -8.28 0.95
CA TRP B 116 21.81 -7.43 0.35
C TRP B 116 21.23 -6.47 1.40
N LYS B 117 21.01 -6.99 2.61
CA LYS B 117 20.46 -6.19 3.72
C LYS B 117 21.34 -4.97 3.98
N ARG B 118 22.64 -5.16 3.80
CA ARG B 118 23.63 -4.11 4.04
C ARG B 118 23.42 -2.86 3.19
N GLN B 119 22.63 -2.97 2.13
CA GLN B 119 22.39 -1.83 1.27
C GLN B 119 21.22 -0.98 1.80
N PHE B 120 20.70 -1.39 2.96
CA PHE B 120 19.59 -0.68 3.60
C PHE B 120 20.08 -0.17 4.96
N PRO B 121 19.53 0.96 5.43
CA PRO B 121 19.89 1.61 6.69
C PRO B 121 19.54 1.06 8.06
N GLY B 122 18.35 0.51 8.22
CA GLY B 122 17.94 0.07 9.53
C GLY B 122 17.66 1.34 10.30
N PRO B 123 17.24 1.25 11.57
CA PRO B 123 16.95 2.44 12.39
C PRO B 123 18.22 3.24 12.62
N ARG B 124 18.12 4.57 12.69
CA ARG B 124 19.30 5.40 12.92
C ARG B 124 19.69 5.38 14.40
N PHE B 125 18.69 5.30 15.27
CA PHE B 125 18.91 5.30 16.72
C PHE B 125 18.57 3.97 17.37
N GLY B 126 17.42 3.42 17.04
CA GLY B 126 17.02 2.15 17.62
C GLY B 126 16.70 2.28 19.09
N ILE B 127 16.47 1.14 19.74
CA ILE B 127 16.12 1.13 21.15
C ILE B 127 17.14 1.86 22.04
N ASP B 128 18.42 1.52 21.91
CA ASP B 128 19.44 2.15 22.74
C ASP B 128 19.52 3.66 22.50
N GLY B 129 19.47 4.07 21.24
CA GLY B 129 19.53 5.48 20.90
C GLY B 129 18.36 6.25 21.45
N ILE B 130 17.16 5.66 21.37
CA ILE B 130 15.98 6.33 21.88
C ILE B 130 16.01 6.43 23.39
N ARG B 131 16.46 5.36 24.05
CA ARG B 131 16.55 5.37 25.51
C ARG B 131 17.48 6.50 25.97
N ASP B 132 18.56 6.71 25.23
CA ASP B 132 19.47 7.79 25.59
C ASP B 132 18.85 9.16 25.34
N ARG B 133 18.18 9.31 24.19
CA ARG B 133 17.54 10.58 23.84
C ARG B 133 16.50 11.02 24.85
N VAL B 134 15.79 10.06 25.45
CA VAL B 134 14.76 10.39 26.42
C VAL B 134 15.28 10.25 27.85
N GLY B 135 16.46 9.65 28.00
CA GLY B 135 17.06 9.49 29.30
C GLY B 135 16.41 8.47 30.22
N VAL B 136 15.85 7.42 29.64
CA VAL B 136 15.19 6.38 30.42
C VAL B 136 15.76 5.00 30.13
N HIS B 137 16.36 4.40 31.15
CA HIS B 137 16.94 3.06 31.03
C HIS B 137 16.16 2.07 31.88
N ASN B 138 16.35 0.79 31.57
CA ASN B 138 15.72 -0.30 32.27
C ASN B 138 14.20 -0.44 32.10
N ARG B 139 13.43 0.51 32.63
CA ARG B 139 11.99 0.41 32.54
C ARG B 139 11.42 0.66 31.15
N PRO B 140 10.28 0.04 30.83
CA PRO B 140 9.72 0.30 29.51
C PRO B 140 9.33 1.77 29.48
N LEU B 141 9.22 2.33 28.29
CA LEU B 141 8.84 3.74 28.17
C LEU B 141 7.33 3.88 28.20
N LEU B 142 6.87 5.11 28.32
CA LEU B 142 5.45 5.41 28.38
C LEU B 142 5.15 6.56 27.42
N MET B 143 4.15 6.39 26.57
CA MET B 143 3.77 7.44 25.64
C MET B 143 2.26 7.63 25.64
N SER B 144 1.82 8.80 25.19
CA SER B 144 0.40 9.12 25.11
C SER B 144 0.14 9.92 23.84
N ILE B 145 -1.13 10.12 23.51
CA ILE B 145 -1.51 10.86 22.30
C ILE B 145 -2.42 12.03 22.62
N PHE B 146 -2.23 13.13 21.91
CA PHE B 146 -3.08 14.32 22.05
C PHE B 146 -4.51 13.91 21.73
N LYS B 147 -5.47 14.47 22.44
CA LYS B 147 -6.87 14.19 22.18
C LYS B 147 -7.60 15.45 21.69
N GLY B 148 -8.45 15.29 20.69
CA GLY B 148 -9.24 16.38 20.13
C GLY B 148 -8.54 17.64 19.67
N MET B 149 -7.39 17.50 19.01
CA MET B 149 -6.64 18.67 18.56
C MET B 149 -7.13 19.27 17.24
N ILE B 150 -7.83 18.49 16.42
CA ILE B 150 -8.32 19.01 15.15
C ILE B 150 -9.21 20.24 15.39
N GLY B 151 -8.81 21.37 14.80
CA GLY B 151 -9.58 22.59 14.97
C GLY B 151 -9.17 23.45 16.15
N ARG B 152 -8.20 22.98 16.93
CA ARG B 152 -7.72 23.70 18.11
C ARG B 152 -6.50 24.57 17.78
N ASP B 153 -6.10 25.43 18.72
CA ASP B 153 -4.96 26.32 18.50
C ASP B 153 -3.70 25.95 19.30
N LEU B 154 -2.63 26.70 19.07
CA LEU B 154 -1.35 26.46 19.74
C LEU B 154 -1.40 26.55 21.27
N ALA B 155 -2.23 27.45 21.79
CA ALA B 155 -2.35 27.59 23.23
C ALA B 155 -2.92 26.31 23.80
N TYR B 156 -3.86 25.72 23.07
CA TYR B 156 -4.48 24.47 23.50
C TYR B 156 -3.45 23.34 23.45
N LEU B 157 -2.69 23.30 22.36
CA LEU B 157 -1.67 22.27 22.19
C LEU B 157 -0.68 22.33 23.34
N THR B 158 -0.18 23.54 23.63
CA THR B 158 0.78 23.69 24.72
C THR B 158 0.21 23.27 26.07
N SER B 159 -1.03 23.67 26.36
CA SER B 159 -1.64 23.29 27.64
C SER B 159 -1.84 21.78 27.73
N GLU B 160 -2.31 21.16 26.65
CA GLU B 160 -2.52 19.72 26.64
C GLU B 160 -1.20 18.96 26.71
N LEU B 161 -0.17 19.50 26.07
CA LEU B 161 1.14 18.85 26.07
C LEU B 161 1.73 18.87 27.48
N LYS B 162 1.58 19.97 28.19
CA LYS B 162 2.10 20.07 29.56
C LYS B 162 1.41 19.07 30.49
N LYS B 163 0.09 18.96 30.36
CA LYS B 163 -0.67 18.04 31.20
C LYS B 163 -0.12 16.63 31.07
N GLN B 164 0.12 16.20 29.84
CA GLN B 164 0.66 14.86 29.60
C GLN B 164 2.07 14.71 30.15
N ALA B 165 2.92 15.70 29.90
CA ALA B 165 4.29 15.65 30.39
C ALA B 165 4.31 15.68 31.91
N LEU B 166 3.40 16.44 32.51
CA LEU B 166 3.33 16.52 33.96
C LEU B 166 2.87 15.20 34.56
N GLY B 167 2.21 14.38 33.73
CA GLY B 167 1.74 13.09 34.17
C GLY B 167 2.88 12.07 34.15
N GLY B 168 4.05 12.50 33.69
CA GLY B 168 5.19 11.61 33.67
C GLY B 168 5.42 10.78 32.42
N VAL B 169 4.69 11.06 31.34
CA VAL B 169 4.90 10.30 30.11
C VAL B 169 6.25 10.68 29.51
N ASP B 170 6.89 9.72 28.82
CA ASP B 170 8.19 9.94 28.20
C ASP B 170 8.07 10.58 26.83
N LEU B 171 6.98 10.31 26.14
CA LEU B 171 6.78 10.85 24.80
C LEU B 171 5.30 11.07 24.52
N VAL B 172 5.00 12.17 23.84
CA VAL B 172 3.64 12.50 23.46
C VAL B 172 3.66 12.67 21.95
N ASP B 174 1.44 13.48 18.15
CA ASP B 174 0.26 14.06 17.53
C ASP B 174 -0.61 12.87 17.14
N ASP B 175 -1.90 13.12 16.96
CA ASP B 175 -2.84 12.10 16.50
C ASP B 175 -2.40 11.91 15.03
N GLU B 176 -2.47 10.70 14.49
CA GLU B 176 -2.02 10.50 13.11
C GLU B 176 -2.87 11.27 12.10
N ILE B 177 -4.06 11.69 12.52
CA ILE B 177 -4.95 12.43 11.63
C ILE B 177 -4.82 13.95 11.83
N LEU B 178 -3.76 14.38 12.51
CA LEU B 178 -3.57 15.82 12.71
C LEU B 178 -2.70 16.35 11.58
N PHE B 179 -3.30 17.15 10.70
CA PHE B 179 -2.58 17.70 9.57
C PHE B 179 -2.28 19.18 9.78
N ASP B 180 -1.33 19.69 9.00
CA ASP B 180 -0.95 21.09 9.14
C ASP B 180 -2.10 22.02 8.79
N SER B 181 -2.15 23.15 9.48
CA SER B 181 -3.20 24.14 9.26
C SER B 181 -2.67 25.50 9.68
N GLU B 182 -3.46 26.54 9.45
CA GLU B 182 -3.06 27.88 9.84
C GLU B 182 -3.00 27.97 11.36
N LEU B 183 -3.91 27.27 12.03
CA LEU B 183 -3.95 27.26 13.49
C LEU B 183 -2.79 26.48 14.08
N LEU B 184 -2.44 25.35 13.47
CA LEU B 184 -1.35 24.53 13.96
C LEU B 184 -0.29 24.23 12.90
N PRO B 185 0.52 25.24 12.54
CA PRO B 185 1.56 25.03 11.55
C PRO B 185 2.59 24.02 12.07
N PHE B 186 3.12 23.21 11.16
CA PHE B 186 4.12 22.20 11.51
C PHE B 186 5.26 22.77 12.36
N GLU B 187 5.93 23.79 11.84
CA GLU B 187 7.06 24.38 12.55
C GLU B 187 6.69 24.98 13.91
N LYS B 188 5.48 25.52 14.01
CA LYS B 188 5.01 26.11 15.26
C LYS B 188 4.75 25.03 16.30
N ARG B 189 4.16 23.91 15.88
CA ARG B 189 3.92 22.83 16.82
C ARG B 189 5.25 22.43 17.43
N ILE B 190 6.29 22.38 16.61
CA ILE B 190 7.61 22.01 17.09
C ILE B 190 8.21 22.99 18.10
N THR B 191 8.27 24.26 17.72
CA THR B 191 8.85 25.28 18.59
C THR B 191 8.02 25.54 19.85
N GLU B 192 6.70 25.66 19.69
CA GLU B 192 5.86 25.91 20.85
C GLU B 192 5.90 24.68 21.76
N GLY B 193 5.85 23.49 21.16
CA GLY B 193 5.89 22.28 21.96
C GLY B 193 7.19 22.17 22.75
N LYS B 194 8.30 22.50 22.08
CA LYS B 194 9.62 22.44 22.70
C LYS B 194 9.68 23.33 23.94
N ALA B 195 9.23 24.58 23.79
CA ALA B 195 9.25 25.52 24.89
C ALA B 195 8.46 24.99 26.07
N ALA B 196 7.25 24.49 25.79
CA ALA B 196 6.38 23.95 26.82
C ALA B 196 7.03 22.77 27.55
N LEU B 197 7.69 21.89 26.80
CA LEU B 197 8.34 20.74 27.39
C LEU B 197 9.56 21.15 28.23
N GLN B 198 10.18 22.26 27.85
CA GLN B 198 11.34 22.77 28.57
C GLN B 198 10.87 23.30 29.93
N GLU B 199 9.74 23.98 29.93
CA GLU B 199 9.16 24.53 31.14
C GLU B 199 8.86 23.39 32.12
N VAL B 200 8.33 22.29 31.59
CA VAL B 200 8.01 21.15 32.44
C VAL B 200 9.28 20.55 33.04
N TYR B 201 10.36 20.48 32.27
CA TYR B 201 11.59 19.92 32.83
C TYR B 201 11.97 20.77 34.03
N GLU B 202 12.05 22.07 33.80
CA GLU B 202 12.40 23.02 34.85
C GLU B 202 11.57 22.77 36.10
N GLN B 203 10.30 22.45 35.88
CA GLN B 203 9.37 22.22 36.97
C GLN B 203 9.50 20.89 37.71
N THR B 204 9.66 19.79 36.97
CA THR B 204 9.75 18.47 37.58
C THR B 204 11.04 17.71 37.30
N GLY B 205 11.89 18.25 36.42
CA GLY B 205 13.12 17.57 36.09
C GLY B 205 12.85 16.39 35.18
N LYS B 206 11.58 16.23 34.78
CA LYS B 206 11.18 15.14 33.90
C LYS B 206 11.33 15.55 32.44
N ARG B 207 11.95 14.67 31.67
CA ARG B 207 12.17 14.92 30.25
C ARG B 207 11.09 14.23 29.42
N THR B 208 10.40 15.00 28.57
CA THR B 208 9.35 14.44 27.72
C THR B 208 9.58 14.88 26.27
N LEU B 209 9.49 13.92 25.35
CA LEU B 209 9.69 14.18 23.93
C LEU B 209 8.36 14.33 23.21
N TYR B 210 8.38 15.08 22.11
CA TYR B 210 7.18 15.31 21.30
C TYR B 210 7.38 14.75 19.89
N ALA B 211 6.54 13.78 19.53
CA ALA B 211 6.60 13.18 18.20
C ALA B 211 5.59 13.95 17.35
N VAL B 212 6.10 14.79 16.45
CA VAL B 212 5.26 15.61 15.60
C VAL B 212 4.96 14.94 14.27
N ASN B 213 3.70 15.03 13.84
CA ASN B 213 3.28 14.42 12.58
C ASN B 213 3.94 15.10 11.39
N LEU B 214 4.59 14.29 10.55
CA LEU B 214 5.25 14.78 9.34
C LEU B 214 4.30 14.40 8.20
N THR B 215 3.58 15.38 7.67
CA THR B 215 2.63 15.10 6.61
C THR B 215 2.78 15.95 5.36
N GLY B 216 1.79 15.88 4.49
CA GLY B 216 1.82 16.64 3.26
C GLY B 216 2.38 15.84 2.11
N LYS B 217 2.61 16.51 0.97
CA LYS B 217 3.12 15.82 -0.20
C LYS B 217 4.53 15.25 -0.08
N THR B 218 4.71 14.10 -0.71
CA THR B 218 5.97 13.38 -0.69
C THR B 218 7.21 14.24 -0.95
N PHE B 219 7.22 14.97 -2.05
CA PHE B 219 8.39 15.75 -2.39
C PHE B 219 8.65 17.01 -1.59
N ALA B 220 7.86 17.21 -0.53
CA ALA B 220 8.04 18.36 0.35
C ALA B 220 8.45 17.85 1.74
N LEU B 221 8.47 16.53 1.90
CA LEU B 221 8.80 15.92 3.19
C LEU B 221 10.23 16.14 3.68
N LYS B 222 11.21 15.94 2.80
CA LYS B 222 12.60 16.11 3.22
C LYS B 222 12.91 17.54 3.64
N ASP B 223 12.40 18.51 2.90
CA ASP B 223 12.64 19.90 3.25
C ASP B 223 12.06 20.25 4.61
N LYS B 224 10.83 19.81 4.89
CA LYS B 224 10.24 20.13 6.18
C LYS B 224 10.86 19.31 7.31
N ALA B 225 11.35 18.10 7.00
CA ALA B 225 11.97 17.27 8.02
C ALA B 225 13.30 17.91 8.42
N LYS B 226 13.98 18.50 7.44
CA LYS B 226 15.25 19.18 7.70
C LYS B 226 15.01 20.39 8.59
N ARG B 227 13.93 21.12 8.32
CA ARG B 227 13.57 22.28 9.12
C ARG B 227 13.25 21.82 10.53
N ALA B 228 12.57 20.68 10.64
CA ALA B 228 12.22 20.13 11.95
C ALA B 228 13.50 19.86 12.73
N ALA B 229 14.48 19.24 12.07
CA ALA B 229 15.75 18.93 12.70
C ALA B 229 16.41 20.22 13.20
N GLU B 230 16.39 21.25 12.37
CA GLU B 230 16.98 22.54 12.72
C GLU B 230 16.25 23.17 13.90
N LEU B 231 14.94 22.99 13.95
CA LEU B 231 14.13 23.56 15.03
C LEU B 231 14.19 22.75 16.32
N GLY B 232 14.88 21.61 16.26
CA GLY B 232 15.01 20.78 17.45
C GLY B 232 13.89 19.80 17.73
N ALA B 233 13.18 19.36 16.68
CA ALA B 233 12.10 18.40 16.87
C ALA B 233 12.69 17.14 17.49
N ASP B 234 11.93 16.51 18.40
CA ASP B 234 12.39 15.30 19.08
C ASP B 234 12.22 14.05 18.23
N VAL B 235 11.02 13.88 17.69
CA VAL B 235 10.69 12.71 16.90
C VAL B 235 9.73 13.07 15.77
N LEU B 236 9.83 12.36 14.65
CA LEU B 236 8.94 12.60 13.52
C LEU B 236 7.97 11.41 13.41
N LEU B 237 6.68 11.69 13.54
CA LEU B 237 5.65 10.67 13.43
C LEU B 237 5.40 10.58 11.92
N PHE B 238 5.34 9.37 11.37
CA PHE B 238 5.17 9.23 9.94
C PHE B 238 4.24 8.11 9.52
N ASN B 239 3.19 8.48 8.78
CA ASN B 239 2.18 7.54 8.28
C ASN B 239 2.74 6.85 7.04
N VAL B 240 3.82 6.11 7.24
CA VAL B 240 4.51 5.42 6.15
C VAL B 240 3.67 4.66 5.14
N PHE B 241 2.66 3.93 5.59
CA PHE B 241 1.86 3.14 4.65
C PHE B 241 1.04 3.94 3.65
N ALA B 242 0.88 5.23 3.90
CA ALA B 242 0.14 6.08 2.97
C ALA B 242 1.12 6.70 1.95
N TYR B 243 2.42 6.51 2.17
CA TYR B 243 3.48 7.07 1.31
C TYR B 243 4.37 6.10 0.54
N GLY B 244 4.68 4.96 1.14
CA GLY B 244 5.56 3.99 0.52
C GLY B 244 6.78 3.76 1.40
N LEU B 245 7.19 2.50 1.55
CA LEU B 245 8.35 2.16 2.37
C LEU B 245 9.62 2.90 1.97
N ASP B 246 9.79 3.15 0.68
CA ASP B 246 10.98 3.83 0.18
C ASP B 246 11.09 5.25 0.72
N VAL B 247 9.94 5.88 0.98
CA VAL B 247 9.98 7.25 1.51
C VAL B 247 10.54 7.24 2.92
N LEU B 248 10.15 6.25 3.71
CA LEU B 248 10.67 6.14 5.07
C LEU B 248 12.19 5.99 5.01
N GLN B 249 12.67 5.16 4.08
CA GLN B 249 14.10 4.95 3.93
C GLN B 249 14.82 6.25 3.55
N ALA B 250 14.20 7.04 2.68
CA ALA B 250 14.77 8.31 2.26
C ALA B 250 14.93 9.25 3.45
N LEU B 251 13.92 9.29 4.30
CA LEU B 251 13.95 10.15 5.48
C LEU B 251 15.05 9.69 6.43
N ARG B 252 15.23 8.38 6.53
CA ARG B 252 16.25 7.81 7.40
C ARG B 252 17.67 8.06 6.89
N GLU B 253 17.86 7.96 5.57
CA GLU B 253 19.19 8.13 5.01
C GLU B 253 19.65 9.57 4.83
N ASP B 254 18.75 10.54 5.00
CA ASP B 254 19.13 11.93 4.83
C ASP B 254 19.86 12.44 6.07
N GLU B 255 21.16 12.67 5.95
CA GLU B 255 21.96 13.14 7.08
C GLU B 255 21.56 14.53 7.58
N GLU B 256 20.81 15.28 6.78
CA GLU B 256 20.38 16.60 7.18
C GLU B 256 19.12 16.56 8.04
N ILE B 257 18.56 15.36 8.19
CA ILE B 257 17.38 15.19 9.02
C ILE B 257 17.90 14.62 10.35
N ALA B 258 18.28 13.35 10.33
CA ALA B 258 18.83 12.68 11.51
C ALA B 258 18.03 12.90 12.78
N VAL B 259 16.72 12.68 12.68
CA VAL B 259 15.80 12.82 13.80
C VAL B 259 15.12 11.46 13.91
N PRO B 260 14.85 10.98 15.14
CA PRO B 260 14.18 9.67 15.26
C PRO B 260 12.87 9.64 14.47
N ILE B 261 12.52 8.47 13.94
CA ILE B 261 11.29 8.34 13.18
C ILE B 261 10.37 7.29 13.81
N MET B 262 9.12 7.67 14.04
CA MET B 262 8.11 6.80 14.63
C MET B 262 7.13 6.43 13.52
N ALA B 263 7.10 5.16 13.12
CA ALA B 263 6.19 4.72 12.06
C ALA B 263 4.82 4.37 12.61
N HIS B 264 3.79 4.96 12.00
CA HIS B 264 2.41 4.70 12.42
C HIS B 264 1.80 3.61 11.54
N PRO B 265 0.96 2.76 12.14
CA PRO B 265 0.30 1.65 11.42
C PRO B 265 -0.88 2.02 10.52
N ALA B 266 -1.25 3.30 10.48
CA ALA B 266 -2.37 3.72 9.65
C ALA B 266 -2.28 3.14 8.22
N PHE B 267 -3.40 2.57 7.76
CA PHE B 267 -3.55 1.96 6.44
C PHE B 267 -2.90 0.58 6.28
N SER B 268 -2.08 0.16 7.23
CA SER B 268 -1.44 -1.16 7.13
C SER B 268 -2.50 -2.26 7.16
N GLY B 269 -3.65 -1.95 7.76
CA GLY B 269 -4.74 -2.91 7.86
C GLY B 269 -5.41 -3.21 6.53
N ALA B 270 -5.06 -2.45 5.49
CA ALA B 270 -5.66 -2.72 4.19
C ALA B 270 -4.93 -3.90 3.55
N VAL B 271 -3.75 -4.20 4.10
CA VAL B 271 -2.88 -5.26 3.59
C VAL B 271 -2.69 -6.53 4.42
N THR B 272 -2.68 -6.39 5.74
CA THR B 272 -2.39 -7.52 6.65
C THR B 272 -3.40 -8.54 7.19
N PRO B 273 -4.66 -8.16 7.40
CA PRO B 273 -5.71 -9.03 7.95
C PRO B 273 -6.23 -10.31 7.28
N SER B 274 -6.25 -10.38 5.96
CA SER B 274 -6.77 -11.55 5.26
C SER B 274 -6.04 -12.87 5.52
N GLU B 275 -6.79 -13.98 5.47
CA GLU B 275 -6.19 -15.30 5.67
C GLU B 275 -5.61 -15.79 4.34
N PHE B 276 -6.12 -15.27 3.23
CA PHE B 276 -5.71 -15.72 1.91
C PHE B 276 -4.90 -14.76 1.03
N TYR B 277 -4.95 -13.47 1.35
CA TYR B 277 -4.26 -12.48 0.53
C TYR B 277 -3.40 -11.53 1.35
N GLY B 278 -2.75 -10.60 0.67
CA GLY B 278 -1.94 -9.61 1.36
C GLY B 278 -0.57 -10.00 1.85
N VAL B 279 -0.11 -9.28 2.88
CA VAL B 279 1.20 -9.48 3.45
C VAL B 279 1.07 -9.62 4.98
N ALA B 280 1.74 -10.64 5.53
CA ALA B 280 1.69 -10.87 6.97
C ALA B 280 2.29 -9.68 7.73
N PRO B 281 1.67 -9.33 8.87
CA PRO B 281 2.14 -8.20 9.70
C PRO B 281 3.58 -8.28 10.22
N SER B 282 4.09 -9.48 10.46
CA SER B 282 5.46 -9.60 10.96
C SER B 282 6.42 -9.01 9.93
N LEU B 283 6.06 -9.14 8.66
CA LEU B 283 6.88 -8.61 7.58
C LEU B 283 6.56 -7.16 7.24
N TRP B 284 5.28 -6.88 7.06
CA TRP B 284 4.80 -5.55 6.68
C TRP B 284 5.03 -4.48 7.73
N LEU B 285 4.77 -4.82 9.00
CA LEU B 285 4.94 -3.86 10.09
C LEU B 285 6.26 -4.05 10.81
N GLY B 286 6.76 -5.29 10.81
CA GLY B 286 7.98 -5.56 11.52
C GLY B 286 9.28 -5.47 10.75
N LYS B 287 9.62 -6.56 10.07
CA LYS B 287 10.87 -6.65 9.33
C LYS B 287 11.15 -5.51 8.35
N LEU B 288 10.18 -5.19 7.49
CA LEU B 288 10.40 -4.14 6.50
C LEU B 288 10.52 -2.74 7.09
N LEU B 289 9.72 -2.42 8.12
CA LEU B 289 9.82 -1.07 8.70
C LEU B 289 11.15 -0.88 9.42
N ARG B 290 11.65 -1.93 10.08
CA ARG B 290 12.92 -1.84 10.78
C ARG B 290 14.03 -1.62 9.76
N LEU B 291 14.03 -2.44 8.71
CA LEU B 291 15.03 -2.34 7.66
C LEU B 291 15.01 -0.97 6.99
N ALA B 292 13.80 -0.42 6.82
CA ALA B 292 13.61 0.86 6.18
C ALA B 292 14.09 2.04 7.01
N GLY B 293 14.13 1.88 8.34
CA GLY B 293 14.63 2.96 9.19
C GLY B 293 13.77 3.47 10.33
N ALA B 294 12.71 2.75 10.67
CA ALA B 294 11.85 3.18 11.79
C ALA B 294 12.50 2.91 13.15
N ASP B 295 12.56 3.94 14.01
CA ASP B 295 13.13 3.77 15.34
C ASP B 295 12.06 3.23 16.28
N PHE B 296 10.80 3.53 15.96
CA PHE B 296 9.65 3.07 16.72
C PHE B 296 8.66 2.51 15.71
N VAL B 297 7.95 1.46 16.08
CA VAL B 297 6.91 0.93 15.24
C VAL B 297 5.70 0.64 16.12
N LEU B 298 4.60 1.34 15.85
CA LEU B 298 3.36 1.15 16.57
C LEU B 298 2.61 0.10 15.76
N PHE B 299 2.03 -0.87 16.44
CA PHE B 299 1.30 -1.92 15.75
C PHE B 299 0.15 -2.40 16.63
N PRO B 300 -0.85 -3.07 16.03
CA PRO B 300 -2.00 -3.57 16.79
C PRO B 300 -1.58 -4.44 17.98
N SER B 301 -2.03 -4.08 19.17
CA SER B 301 -1.70 -4.84 20.37
C SER B 301 -2.55 -6.11 20.39
N PRO B 302 -2.17 -7.08 21.23
CA PRO B 302 -2.93 -8.33 21.32
C PRO B 302 -3.97 -8.24 22.44
N TYR B 303 -4.40 -7.01 22.74
CA TYR B 303 -5.37 -6.75 23.80
C TYR B 303 -6.54 -5.90 23.31
N GLY B 304 -7.68 -6.00 23.98
CA GLY B 304 -8.82 -5.17 23.61
C GLY B 304 -9.76 -5.64 22.51
N SER B 305 -10.66 -4.74 22.14
CA SER B 305 -11.69 -4.97 21.13
C SER B 305 -11.26 -5.49 19.77
N VAL B 306 -10.10 -5.07 19.28
CA VAL B 306 -9.62 -5.54 17.98
C VAL B 306 -8.22 -6.11 18.13
N ALA B 307 -8.03 -6.86 19.21
CA ALA B 307 -6.75 -7.47 19.51
C ALA B 307 -6.22 -8.34 18.36
N LEU B 308 -4.93 -8.20 18.09
CA LEU B 308 -4.28 -8.99 17.07
C LEU B 308 -3.94 -10.33 17.74
N GLU B 309 -4.06 -11.42 17.00
CA GLU B 309 -3.75 -12.74 17.55
C GLU B 309 -2.36 -12.66 18.21
N ARG B 310 -2.29 -13.08 19.47
CA ARG B 310 -1.06 -13.02 20.26
C ARG B 310 0.23 -13.39 19.52
N GLU B 311 0.27 -14.56 18.87
CA GLU B 311 1.46 -14.98 18.16
C GLU B 311 1.85 -13.99 17.05
N GLN B 312 0.84 -13.40 16.41
CA GLN B 312 1.09 -12.43 15.35
C GLN B 312 1.75 -11.20 15.96
N ALA B 313 1.20 -10.72 17.08
CA ALA B 313 1.73 -9.53 17.75
C ALA B 313 3.16 -9.76 18.23
N LEU B 314 3.42 -10.93 18.81
CA LEU B 314 4.77 -11.26 19.28
C LEU B 314 5.72 -11.36 18.09
N GLY B 315 5.22 -11.89 16.98
CA GLY B 315 6.03 -12.03 15.78
C GLY B 315 6.50 -10.68 15.27
N ILE B 316 5.66 -9.66 15.41
CA ILE B 316 6.02 -8.32 14.95
C ILE B 316 7.14 -7.81 15.85
N ALA B 317 6.96 -7.94 17.16
CA ALA B 317 7.97 -7.49 18.12
C ALA B 317 9.30 -8.20 17.92
N ARG B 318 9.25 -9.50 17.62
CA ARG B 318 10.47 -10.25 17.38
C ARG B 318 11.23 -9.73 16.16
N ALA B 319 10.50 -9.47 15.08
CA ALA B 319 11.14 -8.96 13.87
C ALA B 319 11.78 -7.60 14.14
N LEU B 320 11.13 -6.80 14.98
CA LEU B 320 11.65 -5.48 15.31
C LEU B 320 12.89 -5.49 16.21
N THR B 321 13.04 -6.54 17.02
CA THR B 321 14.15 -6.60 17.96
C THR B 321 15.19 -7.70 17.79
N ASP B 322 14.97 -8.62 16.86
CA ASP B 322 15.88 -9.73 16.61
C ASP B 322 17.33 -9.25 16.49
N ASP B 323 18.20 -9.69 17.39
CA ASP B 323 19.61 -9.27 17.38
C ASP B 323 20.43 -9.89 16.25
N GLN B 324 19.82 -10.78 15.47
CA GLN B 324 20.53 -11.43 14.36
C GLN B 324 20.57 -10.57 13.11
N GLU B 325 19.84 -9.46 13.11
CA GLU B 325 19.82 -8.57 11.96
C GLU B 325 20.93 -7.52 12.05
N PRO B 326 21.45 -7.07 10.90
CA PRO B 326 22.51 -6.07 10.84
C PRO B 326 21.97 -4.65 11.02
N PHE B 327 20.81 -4.54 11.67
CA PHE B 327 20.19 -3.24 11.91
C PHE B 327 19.98 -3.07 13.40
N ALA B 328 19.92 -1.82 13.85
CA ALA B 328 19.67 -1.56 15.26
C ALA B 328 18.24 -2.05 15.50
N ARG B 329 17.88 -2.32 16.75
CA ARG B 329 16.55 -2.78 17.08
C ARG B 329 15.57 -1.60 17.08
N ALA B 330 14.34 -1.84 16.64
CA ALA B 330 13.33 -0.79 16.63
C ALA B 330 12.41 -1.01 17.84
N PHE B 331 11.93 0.08 18.44
CA PHE B 331 11.05 -0.03 19.61
C PHE B 331 9.68 -0.57 19.27
N PRO B 332 9.30 -1.72 19.86
CA PRO B 332 7.98 -2.32 19.59
C PRO B 332 6.99 -1.53 20.44
N VAL B 333 5.90 -1.06 19.84
CA VAL B 333 4.90 -0.30 20.59
C VAL B 333 3.49 -0.85 20.37
N PRO B 334 3.11 -1.90 21.13
CA PRO B 334 1.76 -2.46 20.94
C PRO B 334 0.75 -1.38 21.29
N SER B 335 -0.15 -1.09 20.34
CA SER B 335 -1.12 -0.02 20.53
C SER B 335 -2.58 -0.42 20.42
N ALA B 336 -3.42 0.25 21.22
CA ALA B 336 -4.87 0.04 21.30
C ALA B 336 -5.21 -0.93 22.43
N GLY B 337 -6.29 -0.63 23.15
CA GLY B 337 -6.74 -1.47 24.25
C GLY B 337 -5.83 -1.42 25.46
N ILE B 338 -5.03 -0.36 25.58
CA ILE B 338 -4.09 -0.22 26.69
C ILE B 338 -4.60 0.60 27.88
N HIS B 339 -4.40 0.08 29.09
CA HIS B 339 -4.77 0.76 30.33
C HIS B 339 -3.80 0.29 31.42
N PRO B 340 -3.68 1.06 32.52
CA PRO B 340 -2.76 0.69 33.60
C PRO B 340 -2.83 -0.76 34.08
N GLY B 341 -4.04 -1.28 34.18
CA GLY B 341 -4.23 -2.66 34.64
C GLY B 341 -3.64 -3.71 33.72
N LEU B 342 -3.22 -3.31 32.52
CA LEU B 342 -2.65 -4.23 31.56
C LEU B 342 -1.12 -4.23 31.58
N VAL B 343 -0.52 -3.27 32.26
CA VAL B 343 0.94 -3.16 32.31
C VAL B 343 1.68 -4.45 32.66
N PRO B 344 1.22 -5.18 33.71
CA PRO B 344 1.93 -6.42 34.03
C PRO B 344 2.00 -7.39 32.84
N LEU B 345 0.88 -7.54 32.13
CA LEU B 345 0.83 -8.44 30.98
C LEU B 345 1.67 -7.92 29.81
N ILE B 346 1.63 -6.61 29.58
CA ILE B 346 2.41 -6.01 28.50
C ILE B 346 3.89 -6.35 28.70
N ILE B 347 4.38 -6.14 29.92
CA ILE B 347 5.78 -6.42 30.22
C ILE B 347 6.07 -7.92 30.15
N ARG B 348 5.14 -8.73 30.62
CA ARG B 348 5.34 -10.17 30.57
C ARG B 348 5.39 -10.64 29.12
N ASP B 349 4.51 -10.10 28.27
CA ASP B 349 4.47 -10.48 26.87
C ASP B 349 5.61 -9.93 26.01
N PHE B 350 5.89 -8.64 26.18
CA PHE B 350 6.89 -7.97 25.36
C PHE B 350 8.25 -7.65 25.97
N GLY B 351 8.38 -7.84 27.28
CA GLY B 351 9.65 -7.55 27.93
C GLY B 351 9.78 -6.08 28.31
N LEU B 352 10.94 -5.71 28.85
CA LEU B 352 11.18 -4.34 29.29
C LEU B 352 11.48 -3.37 28.15
N ASP B 353 12.00 -3.87 27.03
CA ASP B 353 12.30 -2.99 25.92
C ASP B 353 11.10 -2.82 25.01
N THR B 354 10.06 -2.19 25.57
CA THR B 354 8.83 -1.94 24.84
C THR B 354 8.32 -0.59 25.33
N ILE B 355 7.28 -0.09 24.69
CA ILE B 355 6.69 1.17 25.10
C ILE B 355 5.24 0.91 25.42
N VAL B 356 4.82 1.37 26.59
CA VAL B 356 3.43 1.23 27.01
C VAL B 356 2.76 2.44 26.37
N ASN B 357 1.86 2.18 25.43
CA ASN B 357 1.18 3.27 24.74
C ASN B 357 -0.18 3.57 25.36
N ALA B 358 -0.20 4.56 26.25
CA ALA B 358 -1.42 4.97 26.92
C ALA B 358 -2.39 5.58 25.91
N GLY B 359 -1.88 5.87 24.71
CA GLY B 359 -2.69 6.45 23.66
C GLY B 359 -3.52 7.65 24.10
N GLY B 360 -4.71 7.78 23.52
CA GLY B 360 -5.58 8.89 23.91
C GLY B 360 -6.38 8.53 25.16
N GLY B 361 -6.27 7.27 25.57
CA GLY B 361 -6.98 6.82 26.76
C GLY B 361 -6.50 7.46 28.04
N ILE B 362 -5.29 7.99 28.03
CA ILE B 362 -4.70 8.62 29.21
C ILE B 362 -5.57 9.78 29.71
N HIS B 363 -6.25 10.46 28.79
CA HIS B 363 -7.10 11.60 29.14
C HIS B 363 -8.38 11.17 29.83
N GLY B 364 -8.72 9.88 29.70
CA GLY B 364 -9.94 9.35 30.29
C GLY B 364 -9.88 9.03 31.77
N HIS B 365 -8.70 9.23 32.37
CA HIS B 365 -8.53 8.99 33.79
C HIS B 365 -9.35 10.04 34.56
N PRO B 366 -9.91 9.65 35.72
CA PRO B 366 -10.70 10.60 36.52
C PRO B 366 -10.05 11.96 36.71
N ASP B 367 -8.73 11.98 36.83
CA ASP B 367 -8.00 13.23 37.03
C ASP B 367 -7.25 13.71 35.80
N GLY B 368 -7.81 13.45 34.63
CA GLY B 368 -7.20 13.88 33.39
C GLY B 368 -5.88 13.20 33.07
N ALA B 369 -5.18 13.72 32.07
CA ALA B 369 -3.92 13.14 31.64
C ALA B 369 -2.86 13.06 32.74
N ILE B 370 -2.83 14.03 33.65
CA ILE B 370 -1.84 13.99 34.74
C ILE B 370 -2.08 12.75 35.60
N GLY B 371 -3.33 12.52 35.98
CA GLY B 371 -3.64 11.35 36.78
C GLY B 371 -3.39 10.09 35.98
N GLY B 372 -3.76 10.13 34.70
CA GLY B 372 -3.57 8.99 33.82
C GLY B 372 -2.12 8.59 33.70
N GLY B 373 -1.24 9.57 33.52
CA GLY B 373 0.18 9.28 33.40
C GLY B 373 0.74 8.78 34.72
N ARG B 374 0.29 9.38 35.82
CA ARG B 374 0.78 8.97 37.13
C ARG B 374 0.40 7.52 37.39
N ALA B 375 -0.78 7.12 36.92
CA ALA B 375 -1.24 5.74 37.11
C ALA B 375 -0.36 4.78 36.33
N PHE B 376 -0.04 5.12 35.09
CA PHE B 376 0.80 4.28 34.27
C PHE B 376 2.22 4.16 34.83
N ARG B 377 2.81 5.29 35.21
CA ARG B 377 4.16 5.26 35.76
C ARG B 377 4.20 4.44 37.03
N ALA B 378 3.15 4.57 37.86
CA ALA B 378 3.10 3.81 39.10
C ALA B 378 3.00 2.32 38.82
N ALA B 379 2.25 1.95 37.78
CA ALA B 379 2.08 0.55 37.42
C ALA B 379 3.40 -0.03 36.91
N ILE B 380 4.09 0.73 36.07
CA ILE B 380 5.37 0.27 35.52
C ILE B 380 6.36 0.03 36.66
N ASP B 381 6.45 0.97 37.59
CA ASP B 381 7.38 0.81 38.72
C ASP B 381 7.05 -0.43 39.54
N ALA B 382 5.76 -0.69 39.75
CA ALA B 382 5.34 -1.86 40.52
C ALA B 382 5.89 -3.15 39.93
N VAL B 383 5.69 -3.34 38.63
CA VAL B 383 6.19 -4.54 37.97
C VAL B 383 7.70 -4.66 38.11
N LEU B 384 8.41 -3.55 37.96
CA LEU B 384 9.86 -3.57 38.08
C LEU B 384 10.31 -3.81 39.52
N ALA B 385 9.47 -3.41 40.47
CA ALA B 385 9.78 -3.61 41.89
C ALA B 385 9.34 -4.99 42.33
N GLY B 386 8.87 -5.80 41.38
CA GLY B 386 8.42 -7.14 41.68
C GLY B 386 7.26 -7.18 42.66
N ARG B 387 6.25 -6.35 42.43
CA ARG B 387 5.11 -6.31 43.32
C ARG B 387 3.80 -6.24 42.55
N PRO B 388 2.70 -6.78 43.13
CA PRO B 388 1.40 -6.76 42.46
C PRO B 388 0.90 -5.32 42.30
N LEU B 389 0.21 -5.04 41.19
CA LEU B 389 -0.28 -3.68 40.93
C LEU B 389 -1.07 -3.09 42.09
N ARG B 390 -1.92 -3.90 42.70
CA ARG B 390 -2.74 -3.40 43.81
C ARG B 390 -1.90 -2.98 45.01
N ALA B 391 -0.72 -3.57 45.17
CA ALA B 391 0.16 -3.20 46.29
C ALA B 391 0.58 -1.74 46.08
N ALA B 392 0.94 -1.41 44.85
CA ALA B 392 1.34 -0.05 44.52
C ALA B 392 0.11 0.85 44.55
N ALA B 393 -1.01 0.31 44.10
CA ALA B 393 -2.26 1.07 44.08
C ALA B 393 -2.66 1.53 45.48
N ALA B 394 -2.29 0.74 46.49
CA ALA B 394 -2.61 1.09 47.87
C ALA B 394 -1.81 2.31 48.33
N GLU B 395 -0.80 2.68 47.55
CA GLU B 395 0.04 3.82 47.90
C GLU B 395 -0.01 4.92 46.84
N ASN B 396 -0.75 4.66 45.76
CA ASN B 396 -0.85 5.64 44.68
C ASN B 396 -2.31 5.80 44.24
N GLU B 397 -2.90 6.92 44.63
CA GLU B 397 -4.29 7.23 44.32
C GLU B 397 -4.61 7.18 42.83
N ALA B 398 -3.72 7.73 42.01
CA ALA B 398 -3.93 7.74 40.56
C ALA B 398 -4.11 6.32 40.03
N LEU B 399 -3.24 5.41 40.50
CA LEU B 399 -3.30 4.03 40.08
C LEU B 399 -4.55 3.31 40.60
N GLN B 400 -4.93 3.56 41.84
CA GLN B 400 -6.13 2.92 42.37
C GLN B 400 -7.36 3.35 41.57
N LYS B 401 -7.45 4.65 41.28
CA LYS B 401 -8.56 5.17 40.50
C LYS B 401 -8.66 4.49 39.14
N ALA B 402 -7.50 4.23 38.53
CA ALA B 402 -7.46 3.56 37.24
C ALA B 402 -7.95 2.12 37.37
N ILE B 403 -7.44 1.43 38.38
CA ILE B 403 -7.83 0.04 38.62
C ILE B 403 -9.33 -0.07 38.86
N ASP B 404 -9.88 0.81 39.68
CA ASP B 404 -11.31 0.77 39.96
C ASP B 404 -12.12 1.16 38.74
N ARG B 405 -11.48 1.90 37.83
CA ARG B 405 -12.13 2.35 36.61
C ARG B 405 -12.08 1.31 35.51
N TRP B 406 -10.91 0.68 35.33
CA TRP B 406 -10.75 -0.31 34.28
C TRP B 406 -10.33 -1.71 34.72
N GLY B 407 -10.02 -1.86 36.02
CA GLY B 407 -9.64 -3.16 36.55
C GLY B 407 -8.19 -3.57 36.32
N VAL B 408 -7.84 -4.76 36.79
CA VAL B 408 -6.50 -5.31 36.63
C VAL B 408 -6.59 -6.61 35.84
N VAL B 409 -5.74 -6.76 34.84
CA VAL B 409 -5.74 -7.97 34.03
C VAL B 409 -4.79 -8.98 34.68
N GLU B 410 -5.33 -10.14 35.03
CA GLU B 410 -4.53 -11.17 35.68
C GLU B 410 -3.42 -11.66 34.76
N VAL B 411 -2.22 -11.86 35.33
CA VAL B 411 -1.08 -12.34 34.55
C VAL B 411 -0.69 -13.76 34.93
N GLU B 412 -1.19 -14.23 36.08
CA GLU B 412 -0.88 -15.58 36.54
C GLU B 412 -1.30 -16.64 35.52
N ALA B 413 -0.33 -17.42 35.05
CA ALA B 413 -0.60 -18.46 34.07
C ALA B 413 -1.51 -19.55 34.63
#